data_4ZWM
#
_entry.id   4ZWM
#
_cell.length_a   56.418
_cell.length_b   60.804
_cell.length_c   63.379
_cell.angle_alpha   100.70
_cell.angle_beta   92.63
_cell.angle_gamma   107.68
#
_symmetry.space_group_name_H-M   'P 1'
#
loop_
_entity.id
_entity.type
_entity.pdbx_description
1 polymer 'Ornithine aminotransferase, mitochondrial, putative'
2 non-polymer "PYRIDOXAL-5'-PHOSPHATE"
3 non-polymer 'SULFATE ION'
4 water water
#
_entity_poly.entity_id   1
_entity_poly.type   'polypeptide(L)'
_entity_poly.pdbx_seq_one_letter_code
;MATKSDGSASAAAEGGARKTNIEAYRDGLKLKTEEDFFACDRQYVCQNYAPVPVVISKGKGARVWDINGNEYYDFLAGVS
SLSQGHCHPRVIAALCRQAERLTLTLRAFGNDVTGPACRFMAEMFGYDRVLLMNTGAEAGESALKIARKWAYEVKEIPPD
SAKVILCNNNYWGRTITACSSSTTFDCYNNFGPFTPGFELIDYDDVGALEEALKDPNVAAFFVEPIQGEGGVNVPKPGYL
KRAHELCRSKNVLLIVDEIQTGLCRTGRLLAADHDEVHPDILLLGKSLSAGVVPISAVMGRADVMDVLKPGTHGSTFGGN
PLACAVAVEALTVLKDEKLADRAERLGAQFRDCLRRELYGKVPWIKEIRGRGLLNAVEVDSDAIDPNDVVMKLKENGILS
KPTRGRVMRFIPPLVITDEEHRDATTRIIKSFLAVEEERKK
;
_entity_poly.pdbx_strand_id   A,B
#
loop_
_chem_comp.id
_chem_comp.type
_chem_comp.name
_chem_comp.formula
PLP non-polymer PYRIDOXAL-5'-PHOSPHATE 'C8 H10 N O6 P'
SO4 non-polymer 'SULFATE ION' 'O4 S -2'
#
# COMPACT_ATOMS: atom_id res chain seq x y z
N ARG A 18 15.97 0.68 -25.85
CA ARG A 18 16.97 1.06 -24.80
C ARG A 18 16.90 0.16 -23.55
N LYS A 19 18.06 -0.21 -23.02
CA LYS A 19 18.16 -0.81 -21.69
C LYS A 19 17.70 0.20 -20.63
N THR A 20 16.89 -0.27 -19.69
CA THR A 20 16.56 0.54 -18.51
C THR A 20 17.61 0.32 -17.42
N ASN A 21 17.52 1.08 -16.34
CA ASN A 21 18.56 1.09 -15.33
C ASN A 21 18.71 -0.23 -14.60
N ILE A 22 17.58 -0.86 -14.30
CA ILE A 22 17.60 -2.19 -13.66
C ILE A 22 18.23 -3.26 -14.56
N GLU A 23 17.92 -3.21 -15.86
CA GLU A 23 18.58 -4.08 -16.84
C GLU A 23 20.09 -3.89 -16.86
N ALA A 24 20.56 -2.63 -16.96
CA ALA A 24 22.00 -2.35 -17.12
C ALA A 24 22.72 -2.64 -15.79
N TYR A 25 22.10 -2.28 -14.68
CA TYR A 25 22.63 -2.67 -13.37
C TYR A 25 22.68 -4.17 -13.19
N ARG A 26 21.63 -4.89 -13.58
CA ARG A 26 21.60 -6.35 -13.41
C ARG A 26 22.68 -7.05 -14.23
N ASP A 27 22.85 -6.59 -15.46
CA ASP A 27 23.90 -7.10 -16.33
C ASP A 27 25.26 -6.87 -15.71
N GLY A 28 25.50 -5.67 -15.19
CA GLY A 28 26.75 -5.33 -14.49
C GLY A 28 27.20 -6.25 -13.34
N LEU A 29 26.23 -6.89 -12.67
CA LEU A 29 26.50 -7.82 -11.56
C LEU A 29 26.83 -9.26 -11.96
N LYS A 30 26.65 -9.58 -13.25
CA LYS A 30 26.91 -10.91 -13.80
C LYS A 30 26.18 -11.96 -12.99
N LEU A 31 24.86 -11.91 -13.11
CA LEU A 31 23.98 -12.89 -12.53
C LEU A 31 23.57 -13.84 -13.67
N LYS A 32 24.12 -15.06 -13.63
CA LYS A 32 24.04 -16.01 -14.74
C LYS A 32 23.11 -17.17 -14.38
N THR A 33 23.36 -17.81 -13.26
CA THR A 33 22.60 -18.96 -12.85
C THR A 33 21.57 -18.51 -11.85
N GLU A 34 20.64 -19.39 -11.54
CA GLU A 34 19.63 -19.19 -10.52
C GLU A 34 20.29 -18.97 -9.17
N GLU A 35 21.24 -19.84 -8.85
CA GLU A 35 22.02 -19.75 -7.63
C GLU A 35 22.58 -18.32 -7.38
N ASP A 36 23.14 -17.71 -8.42
CA ASP A 36 23.63 -16.33 -8.32
C ASP A 36 22.55 -15.36 -7.84
N PHE A 37 21.34 -15.52 -8.37
CA PHE A 37 20.22 -14.73 -7.90
C PHE A 37 19.84 -15.07 -6.47
N PHE A 38 19.83 -16.36 -6.10
CA PHE A 38 19.48 -16.73 -4.73
C PHE A 38 20.46 -16.06 -3.78
N ALA A 39 21.74 -16.04 -4.14
CA ALA A 39 22.75 -15.52 -3.24
C ALA A 39 22.59 -14.00 -3.11
N CYS A 40 22.30 -13.33 -4.23
CA CYS A 40 21.93 -11.92 -4.21
C CYS A 40 20.82 -11.65 -3.22
N ASP A 41 19.78 -12.49 -3.23
CA ASP A 41 18.64 -12.30 -2.32
C ASP A 41 19.02 -12.50 -0.87
N ARG A 42 19.71 -13.60 -0.57
CA ARG A 42 20.16 -13.86 0.80
C ARG A 42 21.00 -12.71 1.35
N GLN A 43 21.77 -12.03 0.51
CA GLN A 43 22.65 -10.94 0.93
C GLN A 43 21.93 -9.62 1.20
N TYR A 44 21.02 -9.20 0.28
CA TYR A 44 20.43 -7.87 0.30
C TYR A 44 18.92 -7.77 0.60
N VAL A 45 18.15 -8.84 0.43
CA VAL A 45 16.73 -8.82 0.67
C VAL A 45 16.43 -9.33 2.06
N CYS A 46 15.74 -8.53 2.89
CA CYS A 46 15.21 -8.99 4.17
C CYS A 46 14.61 -10.39 4.00
N GLN A 47 14.87 -11.27 4.94
CA GLN A 47 14.69 -12.72 4.73
C GLN A 47 13.32 -13.20 5.23
N ASN A 48 12.30 -12.39 5.05
CA ASN A 48 11.00 -12.70 5.61
C ASN A 48 10.14 -13.67 4.77
N TYR A 49 10.72 -14.20 3.67
CA TYR A 49 10.18 -15.32 2.89
C TYR A 49 11.16 -16.51 2.74
N ALA A 50 10.61 -17.73 2.64
CA ALA A 50 11.40 -18.94 2.28
C ALA A 50 11.62 -19.09 0.77
N VAL A 52 10.41 -20.19 -2.72
CA VAL A 52 10.95 -21.40 -3.34
C VAL A 52 12.12 -21.06 -4.27
N PRO A 53 12.88 -22.11 -4.71
CA PRO A 53 13.82 -21.99 -5.81
C PRO A 53 13.21 -22.02 -7.22
N VAL A 54 12.89 -20.85 -7.73
CA VAL A 54 12.81 -20.64 -9.17
C VAL A 54 13.08 -19.19 -9.37
N VAL A 55 13.63 -18.82 -10.50
CA VAL A 55 13.84 -17.40 -10.77
C VAL A 55 13.02 -17.05 -12.00
N ILE A 56 11.86 -16.44 -11.77
CA ILE A 56 10.99 -16.06 -12.86
C ILE A 56 11.45 -14.79 -13.52
N SER A 57 11.43 -14.83 -14.85
CA SER A 57 11.85 -13.73 -15.69
C SER A 57 10.71 -13.06 -16.45
N LYS A 58 9.69 -13.82 -16.74
CA LYS A 58 8.72 -13.38 -17.72
C LYS A 58 7.44 -14.19 -17.51
N GLY A 59 6.30 -13.51 -17.61
CA GLY A 59 5.00 -14.14 -17.58
C GLY A 59 4.08 -13.68 -18.70
N LYS A 60 3.17 -14.55 -19.08
CA LYS A 60 2.14 -14.26 -20.07
C LYS A 60 1.00 -15.30 -19.91
N GLY A 61 -0.16 -14.80 -19.44
CA GLY A 61 -1.35 -15.62 -19.30
C GLY A 61 -1.20 -16.48 -18.09
N ALA A 62 -1.36 -17.79 -18.26
CA ALA A 62 -1.18 -18.75 -17.17
C ALA A 62 0.26 -19.22 -17.02
N ARG A 63 1.14 -18.81 -17.94
CA ARG A 63 2.47 -19.35 -18.03
C ARG A 63 3.48 -18.36 -17.53
N VAL A 64 4.52 -18.86 -16.86
CA VAL A 64 5.72 -18.07 -16.65
C VAL A 64 6.94 -18.80 -17.14
N TRP A 65 8.01 -18.02 -17.27
CA TRP A 65 9.31 -18.55 -17.70
C TRP A 65 10.42 -18.05 -16.77
N ASP A 66 11.29 -18.97 -16.41
CA ASP A 66 12.46 -18.65 -15.62
C ASP A 66 13.58 -18.10 -16.52
N ILE A 67 14.68 -17.73 -15.89
CA ILE A 67 15.84 -17.19 -16.61
C ILE A 67 16.47 -18.11 -17.68
N ASN A 68 16.28 -19.43 -17.57
CA ASN A 68 16.74 -20.40 -18.57
C ASN A 68 15.72 -20.72 -19.69
N GLY A 69 14.60 -20.00 -19.73
CA GLY A 69 13.58 -20.28 -20.71
C GLY A 69 12.71 -21.50 -20.42
N ASN A 70 12.86 -22.12 -19.25
CA ASN A 70 11.94 -23.19 -18.84
C ASN A 70 10.56 -22.62 -18.52
N GLU A 71 9.53 -23.33 -18.97
CA GLU A 71 8.13 -22.94 -18.83
C GLU A 71 7.43 -23.61 -17.64
N TYR A 72 6.54 -22.87 -17.01
CA TYR A 72 5.67 -23.38 -15.95
C TYR A 72 4.30 -22.78 -16.06
N TYR A 73 3.33 -23.49 -15.51
CA TYR A 73 2.01 -22.94 -15.28
C TYR A 73 2.11 -22.36 -13.89
N ASP A 74 1.65 -21.12 -13.71
CA ASP A 74 1.64 -20.47 -12.40
C ASP A 74 0.32 -20.78 -11.69
N PHE A 75 0.35 -21.74 -10.75
CA PHE A 75 -0.86 -22.10 -9.98
C PHE A 75 -1.00 -21.42 -8.62
N LEU A 76 -0.33 -20.28 -8.46
CA LEU A 76 -0.58 -19.41 -7.31
C LEU A 76 -1.23 -18.08 -7.72
N ALA A 77 -0.78 -17.52 -8.85
CA ALA A 77 -1.32 -16.32 -9.46
C ALA A 77 -1.51 -15.17 -8.44
N GLY A 78 -0.46 -14.93 -7.66
CA GLY A 78 -0.49 -13.90 -6.66
C GLY A 78 -1.46 -14.16 -5.54
N VAL A 79 -1.73 -15.42 -5.29
CA VAL A 79 -2.82 -15.83 -4.45
C VAL A 79 -4.06 -15.06 -4.94
N SER A 80 -4.33 -15.20 -6.25
CA SER A 80 -5.49 -14.59 -6.90
C SER A 80 -5.35 -13.10 -7.15
N SER A 81 -4.13 -12.60 -7.37
CA SER A 81 -3.91 -11.25 -7.88
C SER A 81 -3.78 -11.19 -9.38
N LEU A 82 -3.57 -12.33 -10.02
CA LEU A 82 -3.37 -12.37 -11.46
C LEU A 82 -4.45 -13.17 -12.16
N SER A 83 -5.68 -12.98 -11.73
CA SER A 83 -6.81 -13.72 -12.29
C SER A 83 -6.90 -13.52 -13.79
N GLN A 84 -6.53 -12.33 -14.24
CA GLN A 84 -6.50 -11.97 -15.66
C GLN A 84 -5.26 -12.46 -16.42
N GLY A 85 -4.38 -13.22 -15.75
CA GLY A 85 -3.14 -13.65 -16.33
C GLY A 85 -2.04 -12.64 -16.18
N HIS A 86 -0.80 -13.08 -16.36
CA HIS A 86 0.32 -12.17 -16.35
C HIS A 86 0.25 -11.30 -17.59
N CYS A 87 0.65 -10.02 -17.48
CA CYS A 87 0.84 -9.11 -18.64
C CYS A 87 -0.27 -9.17 -19.68
N HIS A 88 -1.49 -9.00 -19.18
CA HIS A 88 -2.63 -8.90 -20.05
C HIS A 88 -2.49 -7.65 -20.95
N PRO A 89 -2.54 -7.82 -22.26
CA PRO A 89 -2.28 -6.69 -23.16
C PRO A 89 -3.16 -5.48 -22.91
N ARG A 90 -4.44 -5.70 -22.71
CA ARG A 90 -5.36 -4.60 -22.41
C ARG A 90 -4.99 -3.85 -21.15
N VAL A 91 -4.62 -4.59 -20.10
CA VAL A 91 -4.28 -3.96 -18.83
C VAL A 91 -2.96 -3.18 -18.93
N ILE A 92 -1.97 -3.79 -19.61
CA ILE A 92 -0.67 -3.16 -19.80
C ILE A 92 -0.79 -1.91 -20.70
N ALA A 93 -1.63 -1.96 -21.72
CA ALA A 93 -1.86 -0.81 -22.56
C ALA A 93 -2.57 0.34 -21.80
N ALA A 94 -3.53 0.02 -20.95
CA ALA A 94 -4.19 1.07 -20.16
C ALA A 94 -3.22 1.69 -19.15
N LEU A 95 -2.40 0.85 -18.52
CA LEU A 95 -1.33 1.34 -17.68
C LEU A 95 -0.50 2.34 -18.45
N CYS A 96 0.06 1.88 -19.56
CA CYS A 96 1.03 2.70 -20.30
C CYS A 96 0.43 3.98 -20.85
N ARG A 97 -0.79 3.93 -21.35
CA ARG A 97 -1.42 5.15 -21.85
C ARG A 97 -1.71 6.14 -20.73
N GLN A 98 -2.18 5.67 -19.56
CA GLN A 98 -2.37 6.60 -18.42
C GLN A 98 -1.04 7.14 -17.87
N ALA A 99 -0.05 6.27 -17.81
CA ALA A 99 1.26 6.67 -17.26
C ALA A 99 1.94 7.79 -18.06
N GLU A 100 1.55 7.94 -19.32
CA GLU A 100 2.02 9.03 -20.17
C GLU A 100 1.35 10.35 -19.89
N ARG A 101 0.11 10.31 -19.43
CA ARG A 101 -0.66 11.52 -19.13
C ARG A 101 -0.46 11.94 -17.71
N LEU A 102 -0.82 11.08 -16.77
CA LEU A 102 -0.92 11.48 -15.36
C LEU A 102 -0.98 10.26 -14.44
N THR A 103 -0.13 10.24 -13.40
CA THR A 103 -0.07 9.14 -12.45
C THR A 103 -0.53 9.47 -11.02
N LEU A 104 -0.29 10.68 -10.56
CA LEU A 104 -0.54 11.08 -9.18
C LEU A 104 -0.93 12.54 -9.05
N THR A 105 -2.06 12.82 -8.43
CA THR A 105 -2.37 14.22 -8.09
C THR A 105 -2.37 14.51 -6.60
N LEU A 106 -2.51 13.44 -5.83
CA LEU A 106 -3.16 13.43 -4.51
C LEU A 106 -4.62 13.73 -4.65
N ARG A 107 -5.37 13.29 -3.63
CA ARG A 107 -6.77 13.57 -3.56
C ARG A 107 -7.02 14.97 -2.95
N ALA A 108 -5.94 15.73 -2.71
CA ALA A 108 -6.05 17.17 -2.45
C ALA A 108 -6.38 17.96 -3.72
N PHE A 109 -6.25 17.37 -4.90
CA PHE A 109 -6.68 18.01 -6.14
C PHE A 109 -7.57 17.02 -6.86
N GLY A 110 -8.51 17.53 -7.66
CA GLY A 110 -9.28 16.64 -8.51
C GLY A 110 -8.47 16.19 -9.73
N ASN A 111 -8.97 15.14 -10.36
CA ASN A 111 -8.49 14.75 -11.66
C ASN A 111 -9.63 14.16 -12.44
N ASP A 112 -9.35 13.76 -13.68
CA ASP A 112 -10.41 13.30 -14.59
C ASP A 112 -10.53 11.75 -14.62
N VAL A 113 -9.95 11.08 -13.63
CA VAL A 113 -10.02 9.60 -13.57
C VAL A 113 -10.60 9.04 -12.27
N THR A 114 -10.27 9.60 -11.12
CA THR A 114 -10.64 8.95 -9.89
C THR A 114 -12.14 8.84 -9.71
N GLY A 115 -12.81 9.98 -9.94
CA GLY A 115 -14.29 10.04 -9.95
C GLY A 115 -14.95 8.99 -10.82
N PRO A 116 -14.69 9.01 -12.14
CA PRO A 116 -15.28 7.95 -13.01
C PRO A 116 -14.96 6.51 -12.64
N ALA A 117 -13.77 6.26 -12.13
CA ALA A 117 -13.42 4.94 -11.66
C ALA A 117 -14.32 4.52 -10.49
N CYS A 118 -14.46 5.40 -9.53
CA CYS A 118 -15.30 5.07 -8.41
C CYS A 118 -16.74 4.86 -8.86
N ARG A 119 -17.24 5.70 -9.76
CA ARG A 119 -18.55 5.51 -10.35
C ARG A 119 -18.66 4.15 -11.04
N PHE A 120 -17.62 3.78 -11.77
CA PHE A 120 -17.62 2.48 -12.42
C PHE A 120 -17.72 1.32 -11.44
N MET A 121 -16.92 1.34 -10.38
CA MET A 121 -16.95 0.29 -9.38
C MET A 121 -18.22 0.26 -8.62
N ALA A 122 -18.65 1.42 -8.20
CA ALA A 122 -19.93 1.57 -7.48
C ALA A 122 -21.13 0.98 -8.22
N GLU A 123 -21.15 1.11 -9.53
CA GLU A 123 -22.23 0.52 -10.33
C GLU A 123 -22.09 -0.97 -10.55
N MET A 124 -20.87 -1.44 -10.74
CA MET A 124 -20.62 -2.84 -11.01
C MET A 124 -20.96 -3.66 -9.77
N PHE A 125 -20.61 -3.15 -8.59
CA PHE A 125 -20.85 -3.89 -7.33
C PHE A 125 -22.04 -3.43 -6.50
N GLY A 126 -22.69 -2.32 -6.86
CA GLY A 126 -23.94 -1.89 -6.26
C GLY A 126 -23.75 -1.22 -4.91
N TYR A 127 -22.86 -0.23 -4.81
CA TYR A 127 -22.62 0.48 -3.53
C TYR A 127 -22.65 1.96 -3.74
N ASP A 128 -22.99 2.71 -2.70
CA ASP A 128 -23.03 4.17 -2.77
C ASP A 128 -21.66 4.82 -2.91
N ARG A 129 -20.68 4.37 -2.13
CA ARG A 129 -19.40 5.06 -1.95
C ARG A 129 -18.22 4.10 -2.01
N VAL A 130 -17.15 4.56 -2.66
CA VAL A 130 -15.95 3.78 -2.89
C VAL A 130 -14.79 4.55 -2.26
N LEU A 131 -14.14 3.92 -1.30
CA LEU A 131 -12.85 4.36 -0.77
C LEU A 131 -11.77 3.54 -1.46
N LEU A 132 -10.85 4.19 -2.15
CA LEU A 132 -9.76 3.49 -2.80
C LEU A 132 -8.50 3.56 -1.91
N MET A 133 -7.92 2.40 -1.53
CA MET A 133 -6.58 2.39 -0.88
C MET A 133 -5.61 1.61 -1.77
N ASN A 134 -4.42 1.27 -1.26
CA ASN A 134 -3.41 0.63 -2.10
C ASN A 134 -3.33 -0.87 -1.81
N THR A 135 -3.19 -1.25 -0.53
CA THR A 135 -3.08 -2.65 -0.15
C THR A 135 -4.37 -3.27 0.43
N GLY A 136 -4.45 -4.60 0.39
CA GLY A 136 -5.50 -5.37 1.10
C GLY A 136 -5.64 -5.10 2.59
N ALA A 137 -4.49 -5.05 3.25
CA ALA A 137 -4.40 -4.72 4.67
C ALA A 137 -4.96 -3.34 4.94
N GLU A 138 -4.57 -2.36 4.14
CA GLU A 138 -5.12 -0.98 4.29
C GLU A 138 -6.66 -0.95 4.13
N ALA A 139 -7.18 -1.74 3.20
CA ALA A 139 -8.65 -1.83 3.02
C ALA A 139 -9.32 -2.42 4.26
N GLY A 140 -8.62 -3.35 4.90
CA GLY A 140 -9.01 -3.91 6.17
C GLY A 140 -8.98 -2.86 7.28
N GLU A 141 -7.83 -2.20 7.51
CA GLU A 141 -7.78 -1.20 8.58
C GLU A 141 -8.84 -0.15 8.30
N SER A 142 -8.96 0.28 7.06
CA SER A 142 -9.93 1.28 6.68
C SER A 142 -11.33 0.87 7.08
N ALA A 143 -11.68 -0.38 6.85
CA ALA A 143 -13.01 -0.89 7.20
C ALA A 143 -13.21 -1.00 8.69
N LEU A 144 -12.19 -1.42 9.42
CA LEU A 144 -12.29 -1.47 10.88
C LEU A 144 -12.44 -0.09 11.45
N LYS A 145 -11.78 0.88 10.84
CA LYS A 145 -11.89 2.26 11.32
C LYS A 145 -13.29 2.81 11.11
N ILE A 146 -13.81 2.63 9.88
CA ILE A 146 -15.17 3.08 9.52
C ILE A 146 -16.20 2.41 10.41
N ALA A 147 -15.98 1.13 10.74
CA ALA A 147 -16.92 0.42 11.57
C ALA A 147 -16.92 0.95 13.00
N ARG A 148 -15.73 1.29 13.51
CA ARG A 148 -15.62 1.83 14.87
C ARG A 148 -16.27 3.17 14.97
N LYS A 149 -15.93 4.02 14.01
CA LYS A 149 -16.40 5.39 14.04
C LYS A 149 -17.92 5.42 13.87
N TRP A 150 -18.43 4.61 12.96
CA TRP A 150 -19.88 4.48 12.77
C TRP A 150 -20.56 3.96 14.04
N ALA A 151 -19.92 3.02 14.73
CA ALA A 151 -20.44 2.47 15.97
C ALA A 151 -20.42 3.50 17.09
N TYR A 152 -19.36 4.29 17.22
CA TYR A 152 -19.38 5.42 18.18
C TYR A 152 -20.41 6.51 17.85
N GLU A 153 -20.53 6.90 16.57
CA GLU A 153 -21.31 8.08 16.17
C GLU A 153 -22.77 7.75 15.84
N VAL A 154 -23.06 6.55 15.32
CA VAL A 154 -24.45 6.09 15.05
C VAL A 154 -25.05 5.10 16.07
N LYS A 155 -24.34 4.04 16.45
CA LYS A 155 -24.85 3.18 17.53
C LYS A 155 -24.70 3.84 18.89
N GLU A 156 -23.85 4.87 18.99
CA GLU A 156 -23.60 5.58 20.24
C GLU A 156 -23.12 4.67 21.36
N ILE A 157 -22.36 3.64 21.00
CA ILE A 157 -21.78 2.74 22.00
C ILE A 157 -20.69 3.52 22.77
N PRO A 158 -20.46 3.17 24.06
CA PRO A 158 -19.59 4.04 24.89
C PRO A 158 -18.18 4.20 24.31
N PRO A 159 -17.49 5.28 24.70
CA PRO A 159 -16.14 5.54 24.15
C PRO A 159 -15.14 4.39 24.35
N ASP A 160 -14.34 4.10 23.31
CA ASP A 160 -13.34 3.04 23.32
C ASP A 160 -13.81 1.59 23.52
N SER A 161 -15.12 1.35 23.63
CA SER A 161 -15.62 0.03 23.93
C SER A 161 -15.98 -0.77 22.66
N ALA A 162 -15.72 -0.26 21.46
CA ALA A 162 -16.13 -0.96 20.21
C ALA A 162 -15.39 -2.32 20.06
N LYS A 163 -16.12 -3.39 19.78
CA LYS A 163 -15.56 -4.68 19.45
C LYS A 163 -15.81 -5.03 18.01
N VAL A 164 -14.90 -5.82 17.45
CA VAL A 164 -15.10 -6.41 16.15
C VAL A 164 -14.92 -7.92 16.26
N ILE A 165 -15.89 -8.68 15.78
CA ILE A 165 -15.80 -10.13 15.78
C ILE A 165 -15.05 -10.58 14.53
N LEU A 166 -14.18 -11.58 14.70
CA LEU A 166 -13.63 -12.32 13.56
C LEU A 166 -13.24 -13.74 13.91
N CYS A 167 -12.82 -14.47 12.87
CA CYS A 167 -12.66 -15.90 12.93
C CYS A 167 -11.24 -16.35 13.14
N ASN A 168 -11.10 -17.36 13.98
CA ASN A 168 -9.87 -18.08 14.16
C ASN A 168 -9.30 -18.45 12.80
N ASN A 169 -7.98 -18.31 12.62
CA ASN A 169 -7.28 -18.51 11.34
C ASN A 169 -7.69 -17.50 10.26
N ASN A 170 -8.17 -16.32 10.64
CA ASN A 170 -8.34 -15.27 9.64
C ASN A 170 -6.98 -14.79 9.15
N TYR A 171 -7.00 -14.21 7.97
CA TYR A 171 -5.86 -13.48 7.47
C TYR A 171 -6.36 -12.30 6.64
N TRP A 172 -6.11 -11.08 7.10
CA TRP A 172 -6.35 -9.87 6.32
C TRP A 172 -5.17 -8.91 6.17
N GLY A 173 -4.00 -9.26 6.72
CA GLY A 173 -2.83 -8.46 6.54
C GLY A 173 -1.83 -8.61 7.64
N ARG A 174 -0.89 -7.65 7.68
CA ARG A 174 0.31 -7.71 8.49
C ARG A 174 0.58 -6.46 9.30
N THR A 175 -0.35 -5.52 9.31
CA THR A 175 -0.23 -4.34 10.17
C THR A 175 -0.27 -4.84 11.61
N ILE A 176 0.15 -3.99 12.52
CA ILE A 176 0.09 -4.37 13.93
C ILE A 176 -1.35 -4.67 14.36
N THR A 177 -2.31 -3.91 13.85
CA THR A 177 -3.70 -4.22 14.17
C THR A 177 -4.12 -5.59 13.57
N ALA A 178 -3.71 -5.86 12.33
CA ALA A 178 -3.92 -7.20 11.77
C ALA A 178 -3.31 -8.28 12.67
N CYS A 179 -2.03 -8.16 13.03
CA CYS A 179 -1.41 -9.12 13.95
C CYS A 179 -2.17 -9.25 15.26
N SER A 180 -2.65 -8.13 15.77
CA SER A 180 -3.48 -8.07 16.97
C SER A 180 -4.76 -8.90 16.93
N SER A 181 -5.27 -9.17 15.73
CA SER A 181 -6.54 -9.89 15.56
C SER A 181 -6.36 -11.32 14.97
N SER A 182 -5.11 -11.75 14.87
CA SER A 182 -4.72 -13.06 14.31
C SER A 182 -4.65 -14.11 15.42
N THR A 183 -4.87 -15.38 15.07
CA THR A 183 -4.61 -16.51 15.96
C THR A 183 -3.45 -17.37 15.49
N THR A 184 -2.68 -16.89 14.50
CA THR A 184 -1.57 -17.61 13.87
C THR A 184 -0.21 -17.20 14.49
N PHE A 185 0.42 -18.09 15.26
CA PHE A 185 1.58 -17.72 16.10
C PHE A 185 2.55 -16.78 15.40
N ASP A 186 3.03 -17.20 14.23
CA ASP A 186 4.06 -16.43 13.54
C ASP A 186 3.66 -15.05 13.01
N CYS A 187 2.36 -14.82 12.78
N CYS A 187 2.36 -14.81 12.79
CA CYS A 187 1.85 -13.50 12.43
CA CYS A 187 1.86 -13.47 12.42
C CYS A 187 1.91 -12.49 13.60
C CYS A 187 1.91 -12.48 13.61
N TYR A 188 1.62 -12.94 14.83
CA TYR A 188 1.58 -12.04 16.03
C TYR A 188 2.80 -12.09 16.98
N ASN A 189 3.55 -13.20 17.02
CA ASN A 189 4.55 -13.43 18.12
C ASN A 189 5.59 -12.33 18.15
N ASN A 190 5.81 -11.74 19.32
CA ASN A 190 6.78 -10.65 19.54
C ASN A 190 6.53 -9.38 18.74
N PHE A 191 5.27 -9.13 18.36
CA PHE A 191 4.88 -7.89 17.72
C PHE A 191 3.96 -6.95 18.55
N GLY A 192 3.63 -7.38 19.76
CA GLY A 192 2.86 -6.56 20.65
C GLY A 192 3.63 -5.45 21.38
N PRO A 193 2.94 -4.70 22.27
CA PRO A 193 1.57 -4.99 22.71
C PRO A 193 0.44 -4.69 21.66
N PHE A 194 -0.69 -5.34 21.81
CA PHE A 194 -1.65 -5.49 20.73
C PHE A 194 -2.78 -4.48 20.75
N THR A 195 -3.32 -4.17 19.58
CA THR A 195 -4.56 -3.36 19.51
C THR A 195 -5.70 -4.14 20.15
N PRO A 196 -6.30 -3.63 21.27
CA PRO A 196 -7.50 -4.32 21.80
C PRO A 196 -8.72 -4.15 20.91
N GLY A 197 -9.80 -4.82 21.29
CA GLY A 197 -11.10 -4.64 20.64
C GLY A 197 -11.51 -5.77 19.71
N PHE A 198 -11.01 -6.98 19.93
CA PHE A 198 -11.35 -8.07 19.06
C PHE A 198 -11.84 -9.23 19.89
N GLU A 199 -12.74 -9.99 19.29
CA GLU A 199 -13.27 -11.18 19.89
C GLU A 199 -13.15 -12.27 18.83
N LEU A 200 -12.46 -13.35 19.16
CA LEU A 200 -12.24 -14.43 18.20
C LEU A 200 -13.23 -15.58 18.41
N ILE A 201 -13.81 -16.06 17.32
CA ILE A 201 -14.71 -17.21 17.34
C ILE A 201 -14.27 -18.19 16.28
N ASP A 202 -14.78 -19.43 16.34
CA ASP A 202 -14.53 -20.40 15.28
C ASP A 202 -15.16 -19.91 13.98
N TYR A 203 -14.52 -20.23 12.86
CA TYR A 203 -15.09 -20.03 11.54
C TYR A 203 -16.21 -21.04 11.32
N ASP A 204 -17.15 -20.69 10.44
CA ASP A 204 -18.18 -21.64 10.01
C ASP A 204 -19.02 -22.21 11.18
N ASP A 205 -19.24 -21.39 12.21
CA ASP A 205 -19.92 -21.80 13.43
C ASP A 205 -20.98 -20.74 13.74
N VAL A 206 -22.21 -21.11 13.41
CA VAL A 206 -23.36 -20.24 13.53
C VAL A 206 -23.68 -19.90 15.00
N GLY A 207 -23.65 -20.91 15.87
CA GLY A 207 -23.84 -20.71 17.32
C GLY A 207 -22.89 -19.74 18.00
N ALA A 208 -21.62 -19.78 17.63
CA ALA A 208 -20.61 -18.95 18.27
C ALA A 208 -20.76 -17.49 17.88
N LEU A 209 -21.14 -17.26 16.63
CA LEU A 209 -21.40 -15.93 16.14
C LEU A 209 -22.56 -15.31 16.95
N GLU A 210 -23.65 -16.06 17.05
CA GLU A 210 -24.86 -15.61 17.79
C GLU A 210 -24.56 -15.23 19.24
N GLU A 211 -23.80 -16.06 19.94
CA GLU A 211 -23.44 -15.77 21.36
C GLU A 211 -22.63 -14.52 21.47
N ALA A 212 -21.62 -14.39 20.60
CA ALA A 212 -20.75 -13.23 20.56
C ALA A 212 -21.50 -11.96 20.15
N LEU A 213 -22.56 -12.12 19.36
CA LEU A 213 -23.43 -11.00 19.00
C LEU A 213 -24.29 -10.46 20.14
N LYS A 214 -24.33 -11.15 21.30
CA LYS A 214 -24.99 -10.65 22.51
C LYS A 214 -24.38 -9.38 23.16
N ASP A 215 -23.09 -9.15 22.89
CA ASP A 215 -22.39 -7.98 23.43
C ASP A 215 -22.84 -6.79 22.58
N PRO A 216 -23.58 -5.85 23.20
CA PRO A 216 -24.12 -4.70 22.43
C PRO A 216 -23.06 -3.70 21.95
N ASN A 217 -21.84 -3.80 22.45
CA ASN A 217 -20.72 -3.00 21.98
C ASN A 217 -20.09 -3.48 20.65
N VAL A 218 -20.59 -4.58 20.07
CA VAL A 218 -20.06 -5.08 18.81
C VAL A 218 -20.40 -4.13 17.70
N ALA A 219 -19.39 -3.74 16.92
CA ALA A 219 -19.59 -2.90 15.75
C ALA A 219 -19.76 -3.67 14.44
N ALA A 220 -19.05 -4.78 14.32
CA ALA A 220 -18.93 -5.50 13.06
C ALA A 220 -18.52 -6.93 13.29
N PHE A 221 -18.93 -7.79 12.35
CA PHE A 221 -18.40 -9.09 12.15
C PHE A 221 -17.59 -8.98 10.86
N PHE A 222 -16.36 -9.48 10.92
CA PHE A 222 -15.40 -9.38 9.82
C PHE A 222 -14.99 -10.80 9.42
N VAL A 223 -15.23 -11.15 8.16
CA VAL A 223 -15.26 -12.57 7.77
C VAL A 223 -14.94 -12.72 6.31
N GLU A 224 -14.35 -13.87 5.95
CA GLU A 224 -14.05 -14.24 4.56
C GLU A 224 -15.11 -15.28 4.14
N PRO A 225 -15.64 -15.20 2.89
CA PRO A 225 -16.59 -16.22 2.41
C PRO A 225 -16.03 -17.62 2.33
N ILE A 226 -14.74 -17.69 2.03
CA ILE A 226 -13.91 -18.87 2.15
C ILE A 226 -12.63 -18.36 2.81
N GLN A 227 -12.11 -19.06 3.80
CA GLN A 227 -10.82 -18.65 4.40
C GLN A 227 -9.68 -19.01 3.47
N GLY A 228 -8.92 -18.01 3.04
CA GLY A 228 -7.81 -18.20 2.08
C GLY A 228 -6.53 -18.74 2.69
N GLU A 229 -5.75 -17.84 3.29
CA GLU A 229 -4.49 -18.27 3.93
C GLU A 229 -4.72 -19.28 5.07
N GLY A 230 -5.93 -19.28 5.67
CA GLY A 230 -6.33 -20.28 6.65
C GLY A 230 -6.50 -21.72 6.16
N GLY A 231 -6.56 -21.92 4.84
CA GLY A 231 -6.53 -23.27 4.27
C GLY A 231 -7.56 -23.65 3.22
N VAL A 232 -8.18 -22.65 2.58
CA VAL A 232 -9.34 -22.83 1.67
C VAL A 232 -10.46 -23.56 2.43
N ASN A 233 -10.86 -22.97 3.54
CA ASN A 233 -11.92 -23.55 4.35
C ASN A 233 -13.18 -22.99 3.78
N VAL A 234 -13.87 -23.87 3.05
CA VAL A 234 -15.18 -23.65 2.51
C VAL A 234 -16.19 -23.98 3.61
N PRO A 235 -17.01 -23.00 3.99
CA PRO A 235 -18.02 -23.25 5.01
C PRO A 235 -19.23 -24.01 4.51
N LYS A 236 -20.06 -24.43 5.45
CA LYS A 236 -21.27 -25.20 5.16
C LYS A 236 -22.28 -24.34 4.44
N PRO A 237 -23.15 -24.96 3.59
CA PRO A 237 -24.18 -24.16 2.91
C PRO A 237 -25.00 -23.27 3.87
N GLY A 238 -25.27 -22.03 3.45
CA GLY A 238 -26.05 -21.05 4.23
C GLY A 238 -25.32 -20.26 5.32
N TYR A 239 -24.02 -20.44 5.50
CA TYR A 239 -23.27 -19.83 6.61
C TYR A 239 -23.30 -18.34 6.59
N LEU A 240 -22.89 -17.77 5.47
CA LEU A 240 -22.84 -16.32 5.30
C LEU A 240 -24.25 -15.68 5.32
N LYS A 241 -25.21 -16.29 4.62
CA LYS A 241 -26.60 -15.85 4.66
C LYS A 241 -27.09 -15.73 6.11
N ARG A 242 -26.89 -16.78 6.90
CA ARG A 242 -27.37 -16.83 8.28
C ARG A 242 -26.63 -15.81 9.11
N ALA A 243 -25.33 -15.72 8.89
CA ALA A 243 -24.52 -14.75 9.60
C ALA A 243 -25.04 -13.34 9.39
N HIS A 244 -25.37 -13.03 8.13
CA HIS A 244 -25.87 -11.68 7.81
C HIS A 244 -27.14 -11.38 8.62
N GLU A 245 -28.05 -12.37 8.66
CA GLU A 245 -29.32 -12.20 9.39
C GLU A 245 -29.09 -11.91 10.86
N LEU A 246 -28.21 -12.67 11.51
CA LEU A 246 -27.89 -12.46 12.94
C LEU A 246 -27.25 -11.10 13.23
N CYS A 247 -26.39 -10.67 12.31
CA CYS A 247 -25.76 -9.35 12.40
C CYS A 247 -26.83 -8.24 12.33
N ARG A 248 -27.67 -8.24 11.29
CA ARG A 248 -28.77 -7.25 11.16
C ARG A 248 -29.65 -7.16 12.40
N SER A 249 -29.93 -8.32 12.94
CA SER A 249 -30.74 -8.48 14.14
C SER A 249 -30.27 -7.64 15.34
N LYS A 250 -28.95 -7.48 15.45
CA LYS A 250 -28.29 -6.73 16.52
C LYS A 250 -27.66 -5.39 16.09
N ASN A 251 -28.06 -4.91 14.90
CA ASN A 251 -27.46 -3.76 14.22
C ASN A 251 -25.91 -3.79 14.20
N VAL A 252 -25.37 -4.85 13.60
CA VAL A 252 -23.95 -5.10 13.51
C VAL A 252 -23.61 -5.20 12.03
N LEU A 253 -22.63 -4.40 11.60
CA LEU A 253 -22.05 -4.45 10.26
C LEU A 253 -21.43 -5.83 9.88
N LEU A 254 -21.77 -6.31 8.71
CA LEU A 254 -21.10 -7.45 8.11
C LEU A 254 -20.06 -6.89 7.13
N ILE A 255 -18.80 -7.05 7.50
CA ILE A 255 -17.67 -6.76 6.66
C ILE A 255 -17.18 -8.04 6.02
N VAL A 256 -17.29 -8.10 4.71
CA VAL A 256 -16.89 -9.28 3.94
C VAL A 256 -15.64 -8.96 3.13
N ASP A 257 -14.60 -9.74 3.38
CA ASP A 257 -13.31 -9.62 2.73
C ASP A 257 -13.36 -10.50 1.51
N GLU A 258 -13.41 -9.87 0.36
CA GLU A 258 -13.36 -10.57 -0.93
C GLU A 258 -12.05 -10.29 -1.65
N ILE A 259 -11.00 -9.96 -0.90
CA ILE A 259 -9.71 -9.64 -1.50
C ILE A 259 -9.17 -10.86 -2.26
N GLN A 260 -9.29 -12.05 -1.69
CA GLN A 260 -8.82 -13.27 -2.35
C GLN A 260 -9.95 -14.00 -3.10
N THR A 261 -11.16 -14.00 -2.52
CA THR A 261 -12.31 -14.69 -3.08
C THR A 261 -13.11 -13.94 -4.13
N GLY A 262 -12.96 -12.62 -4.25
CA GLY A 262 -13.80 -11.81 -5.15
C GLY A 262 -13.41 -11.91 -6.59
N LEU A 263 -14.09 -11.16 -7.43
CA LEU A 263 -13.65 -10.93 -8.79
C LEU A 263 -13.53 -12.24 -9.56
N CYS A 264 -14.63 -13.00 -9.57
CA CYS A 264 -14.80 -14.18 -10.42
C CYS A 264 -14.04 -15.42 -9.98
N ARG A 265 -13.10 -15.31 -9.05
CA ARG A 265 -12.25 -16.44 -8.64
C ARG A 265 -13.05 -17.70 -8.32
N THR A 266 -14.15 -17.53 -7.59
CA THR A 266 -15.00 -18.67 -7.18
C THR A 266 -16.14 -19.02 -8.13
N GLY A 267 -16.18 -18.40 -9.32
CA GLY A 267 -17.24 -18.65 -10.27
C GLY A 267 -18.36 -17.63 -10.24
N ARG A 268 -18.31 -16.64 -9.34
CA ARG A 268 -19.23 -15.51 -9.36
C ARG A 268 -18.44 -14.21 -9.20
N LEU A 269 -19.07 -13.09 -9.51
CA LEU A 269 -18.40 -11.81 -9.35
C LEU A 269 -17.84 -11.65 -7.93
N LEU A 270 -18.67 -11.91 -6.92
CA LEU A 270 -18.22 -12.00 -5.55
C LEU A 270 -18.63 -13.34 -5.04
N ALA A 271 -17.82 -13.93 -4.17
CA ALA A 271 -18.13 -15.20 -3.49
C ALA A 271 -19.40 -15.13 -2.61
N ALA A 272 -19.69 -13.95 -2.07
CA ALA A 272 -20.97 -13.66 -1.37
C ALA A 272 -22.25 -13.81 -2.22
N ASP A 273 -22.14 -13.74 -3.55
CA ASP A 273 -23.29 -13.95 -4.46
C ASP A 273 -23.82 -15.38 -4.37
N HIS A 274 -22.93 -16.36 -4.15
CA HIS A 274 -23.34 -17.75 -3.89
C HIS A 274 -24.50 -17.78 -2.82
N ASP A 275 -24.45 -16.89 -1.83
CA ASP A 275 -25.44 -16.83 -0.75
C ASP A 275 -26.50 -15.72 -0.89
N GLU A 276 -26.40 -14.94 -1.98
CA GLU A 276 -27.08 -13.68 -2.18
C GLU A 276 -26.92 -12.70 -1.04
N VAL A 277 -25.71 -12.67 -0.52
CA VAL A 277 -25.39 -11.73 0.53
C VAL A 277 -24.84 -10.48 -0.13
N HIS A 278 -25.41 -9.33 0.18
CA HIS A 278 -24.80 -8.04 -0.16
C HIS A 278 -24.14 -7.55 1.15
N PRO A 279 -22.80 -7.60 1.22
CA PRO A 279 -22.11 -7.18 2.43
C PRO A 279 -22.42 -5.74 2.76
N ASP A 280 -22.46 -5.43 4.05
CA ASP A 280 -22.66 -4.05 4.45
C ASP A 280 -21.40 -3.24 4.05
N ILE A 281 -20.22 -3.86 4.23
CA ILE A 281 -18.97 -3.30 3.72
C ILE A 281 -18.22 -4.39 2.97
N LEU A 282 -17.68 -4.01 1.82
CA LEU A 282 -17.05 -4.92 0.89
C LEU A 282 -15.59 -4.52 0.71
N LEU A 283 -14.69 -5.49 0.81
CA LEU A 283 -13.29 -5.27 0.53
C LEU A 283 -12.92 -5.99 -0.71
N LEU A 284 -12.28 -5.26 -1.63
CA LEU A 284 -11.70 -5.88 -2.79
C LEU A 284 -10.24 -5.51 -2.87
N GLY A 285 -9.42 -6.34 -3.51
CA GLY A 285 -8.02 -6.01 -3.75
C GLY A 285 -7.45 -6.88 -4.84
N LYS A 286 -6.18 -7.25 -4.69
CA LYS A 286 -5.50 -8.21 -5.56
C LYS A 286 -5.97 -8.00 -7.00
N SER A 287 -6.74 -8.93 -7.58
CA SER A 287 -7.02 -8.95 -9.02
C SER A 287 -7.77 -7.68 -9.50
N LEU A 288 -8.12 -6.78 -8.57
CA LEU A 288 -8.70 -5.48 -8.90
C LEU A 288 -7.77 -4.65 -9.81
N SER A 289 -6.48 -4.92 -9.78
CA SER A 289 -5.45 -4.32 -10.65
C SER A 289 -4.81 -5.30 -11.66
N ALA A 290 -5.34 -6.52 -11.74
CA ALA A 290 -4.68 -7.57 -12.51
C ALA A 290 -3.21 -7.82 -12.12
N GLY A 291 -2.85 -7.56 -10.85
CA GLY A 291 -1.48 -7.77 -10.38
C GLY A 291 -0.45 -6.81 -10.98
N VAL A 292 -0.92 -5.63 -11.42
CA VAL A 292 -0.06 -4.64 -12.07
C VAL A 292 0.39 -3.58 -11.08
N VAL A 293 -0.53 -3.07 -10.28
CA VAL A 293 -0.25 -2.09 -9.23
C VAL A 293 -1.12 -2.39 -8.00
N PRO A 294 -0.64 -2.07 -6.80
CA PRO A 294 -1.52 -2.29 -5.66
C PRO A 294 -2.65 -1.24 -5.63
N ILE A 295 -3.88 -1.74 -5.74
CA ILE A 295 -5.07 -0.93 -5.46
C ILE A 295 -6.05 -1.82 -4.77
N SER A 296 -6.63 -1.32 -3.69
CA SER A 296 -7.69 -2.02 -2.97
C SER A 296 -8.89 -1.09 -2.89
N ALA A 297 -10.03 -1.64 -2.50
CA ALA A 297 -11.22 -0.78 -2.31
C ALA A 297 -12.05 -1.25 -1.16
N VAL A 298 -12.64 -0.29 -0.49
CA VAL A 298 -13.67 -0.52 0.50
C VAL A 298 -14.94 0.14 -0.03
N MET A 299 -16.02 -0.63 -0.09
CA MET A 299 -17.34 -0.10 -0.52
C MET A 299 -18.44 -0.31 0.50
N GLY A 300 -19.35 0.65 0.57
CA GLY A 300 -20.44 0.63 1.55
C GLY A 300 -21.50 1.64 1.23
N ARG A 301 -22.61 1.53 1.96
CA ARG A 301 -23.70 2.52 1.86
C ARG A 301 -23.30 3.86 2.44
N ALA A 302 -23.98 4.91 1.98
CA ALA A 302 -23.63 6.27 2.34
C ALA A 302 -23.60 6.53 3.84
N ASP A 303 -24.66 6.12 4.53
CA ASP A 303 -24.79 6.41 5.96
C ASP A 303 -23.76 5.69 6.85
N VAL A 304 -23.05 4.70 6.30
CA VAL A 304 -21.88 4.13 6.95
C VAL A 304 -20.58 4.77 6.50
N MET A 305 -20.32 4.74 5.20
CA MET A 305 -19.09 5.30 4.64
C MET A 305 -18.91 6.80 4.94
N ASP A 306 -20.01 7.56 5.02
CA ASP A 306 -19.95 9.00 5.26
C ASP A 306 -19.48 9.42 6.65
N VAL A 307 -19.27 8.48 7.58
CA VAL A 307 -18.63 8.83 8.86
C VAL A 307 -17.20 9.30 8.71
N LEU A 308 -16.51 8.87 7.64
CA LEU A 308 -15.15 9.36 7.34
C LEU A 308 -15.19 10.75 6.72
N LYS A 309 -15.01 11.76 7.57
CA LYS A 309 -15.08 13.16 7.17
C LYS A 309 -13.71 13.63 6.67
N PRO A 310 -13.64 14.84 6.06
CA PRO A 310 -12.34 15.37 5.61
C PRO A 310 -11.30 15.47 6.75
N GLY A 311 -10.08 14.99 6.51
CA GLY A 311 -9.00 15.02 7.52
C GLY A 311 -8.90 13.78 8.39
N THR A 312 -9.95 12.95 8.43
CA THR A 312 -10.01 11.81 9.34
C THR A 312 -9.49 10.50 8.79
N HIS A 313 -9.18 10.47 7.50
CA HIS A 313 -8.54 9.32 6.88
C HIS A 313 -7.97 9.76 5.56
N GLY A 314 -6.98 9.04 5.08
CA GLY A 314 -6.27 9.40 3.87
C GLY A 314 -5.14 8.42 3.59
N SER A 315 -4.29 8.78 2.63
CA SER A 315 -3.32 7.91 1.90
C SER A 315 -2.75 8.80 0.76
N THR A 316 -1.43 8.79 0.56
CA THR A 316 -0.76 9.47 -0.56
C THR A 316 -1.22 8.82 -1.87
N PHE A 317 -1.01 7.51 -2.02
CA PHE A 317 -1.25 6.85 -3.31
C PHE A 317 -2.66 6.35 -3.54
N GLY A 318 -3.45 6.30 -2.48
CA GLY A 318 -4.86 5.91 -2.57
C GLY A 318 -5.69 6.71 -3.58
N GLY A 319 -6.20 5.99 -4.58
CA GLY A 319 -7.03 6.57 -5.62
C GLY A 319 -6.26 7.32 -6.68
N ASN A 320 -4.96 7.09 -6.79
CA ASN A 320 -4.21 7.77 -7.83
C ASN A 320 -4.75 7.37 -9.22
N PRO A 321 -4.71 8.30 -10.19
CA PRO A 321 -5.30 8.06 -11.50
C PRO A 321 -4.69 6.89 -12.26
N LEU A 322 -3.43 6.56 -12.02
CA LEU A 322 -2.82 5.44 -12.71
C LEU A 322 -3.48 4.12 -12.33
N ALA A 323 -3.52 3.82 -11.04
CA ALA A 323 -4.15 2.59 -10.57
C ALA A 323 -5.63 2.51 -10.88
N CYS A 324 -6.29 3.65 -10.92
CA CYS A 324 -7.71 3.68 -11.31
C CYS A 324 -7.91 3.22 -12.72
N ALA A 325 -7.18 3.80 -13.67
CA ALA A 325 -7.24 3.38 -15.07
C ALA A 325 -6.96 1.88 -15.23
N VAL A 326 -5.94 1.38 -14.55
CA VAL A 326 -5.68 -0.06 -14.55
C VAL A 326 -6.88 -0.84 -14.05
N ALA A 327 -7.46 -0.41 -12.94
CA ALA A 327 -8.54 -1.17 -12.29
C ALA A 327 -9.78 -1.27 -13.14
N VAL A 328 -10.16 -0.16 -13.71
CA VAL A 328 -11.25 -0.14 -14.67
C VAL A 328 -10.97 -1.15 -15.79
N GLU A 329 -9.79 -1.12 -16.39
CA GLU A 329 -9.50 -2.07 -17.46
C GLU A 329 -9.48 -3.53 -16.95
N ALA A 330 -8.86 -3.74 -15.79
CA ALA A 330 -8.86 -5.06 -15.15
C ALA A 330 -10.24 -5.60 -14.92
N LEU A 331 -11.12 -4.75 -14.41
CA LEU A 331 -12.47 -5.17 -14.13
C LEU A 331 -13.24 -5.44 -15.41
N THR A 332 -12.96 -4.65 -16.45
CA THR A 332 -13.60 -4.86 -17.74
C THR A 332 -13.19 -6.17 -18.38
N VAL A 333 -11.92 -6.55 -18.25
CA VAL A 333 -11.46 -7.90 -18.64
C VAL A 333 -12.26 -9.05 -17.98
N LEU A 334 -12.57 -8.92 -16.70
CA LEU A 334 -13.36 -9.94 -15.99
C LEU A 334 -14.73 -10.10 -16.63
N LYS A 335 -15.32 -8.98 -17.00
CA LYS A 335 -16.62 -8.97 -17.61
C LYS A 335 -16.57 -9.48 -19.05
N ASP A 336 -15.78 -8.82 -19.90
CA ASP A 336 -15.75 -9.13 -21.34
C ASP A 336 -15.31 -10.58 -21.69
N GLU A 337 -14.33 -11.11 -20.97
CA GLU A 337 -13.89 -12.50 -21.18
C GLU A 337 -14.67 -13.53 -20.38
N LYS A 338 -15.70 -13.10 -19.63
CA LYS A 338 -16.60 -14.00 -18.92
C LYS A 338 -15.86 -14.91 -17.95
N LEU A 339 -14.91 -14.38 -17.23
CA LEU A 339 -14.03 -15.23 -16.46
C LEU A 339 -14.73 -15.91 -15.27
N ALA A 340 -15.82 -15.34 -14.77
CA ALA A 340 -16.67 -16.02 -13.78
C ALA A 340 -17.17 -17.41 -14.22
N ASP A 341 -17.81 -17.45 -15.39
CA ASP A 341 -18.35 -18.70 -15.99
C ASP A 341 -17.21 -19.69 -16.21
N ARG A 342 -16.16 -19.18 -16.80
CA ARG A 342 -14.95 -19.92 -17.02
C ARG A 342 -14.42 -20.58 -15.72
N ALA A 343 -14.26 -19.82 -14.65
CA ALA A 343 -13.81 -20.39 -13.38
C ALA A 343 -14.73 -21.49 -12.82
N GLU A 344 -16.02 -21.36 -13.07
CA GLU A 344 -16.98 -22.35 -12.60
C GLU A 344 -16.81 -23.64 -13.41
N ARG A 345 -16.85 -23.51 -14.74
N ARG A 345 -16.81 -23.45 -14.74
CA ARG A 345 -16.72 -24.67 -15.61
CA ARG A 345 -16.70 -24.50 -15.74
C ARG A 345 -15.39 -25.36 -15.31
C ARG A 345 -15.40 -25.30 -15.62
N LEU A 346 -14.28 -24.63 -15.37
CA LEU A 346 -12.96 -25.27 -15.18
C LEU A 346 -12.72 -25.84 -13.77
N GLY A 347 -13.23 -25.13 -12.77
CA GLY A 347 -13.12 -25.55 -11.39
C GLY A 347 -13.83 -26.83 -11.06
N ALA A 348 -15.04 -26.99 -11.58
CA ALA A 348 -15.79 -28.24 -11.44
C ALA A 348 -15.09 -29.38 -12.15
N GLN A 349 -14.62 -29.12 -13.37
CA GLN A 349 -13.84 -30.10 -14.12
C GLN A 349 -12.57 -30.45 -13.36
N PHE A 350 -11.87 -29.45 -12.84
CA PHE A 350 -10.65 -29.71 -12.06
C PHE A 350 -10.90 -30.59 -10.85
N ARG A 351 -11.92 -30.27 -10.05
CA ARG A 351 -12.19 -31.03 -8.82
C ARG A 351 -12.66 -32.44 -9.15
N ASP A 352 -13.52 -32.54 -10.16
CA ASP A 352 -14.03 -33.85 -10.56
C ASP A 352 -12.86 -34.74 -10.94
N CYS A 353 -12.04 -34.29 -11.88
CA CYS A 353 -10.83 -35.00 -12.31
C CYS A 353 -9.94 -35.46 -11.17
N LEU A 354 -9.51 -34.54 -10.30
CA LEU A 354 -8.64 -34.92 -9.17
C LEU A 354 -9.28 -35.94 -8.24
N ARG A 355 -10.57 -35.76 -7.98
CA ARG A 355 -11.33 -36.66 -7.11
C ARG A 355 -11.43 -38.09 -7.67
N ARG A 356 -11.78 -38.21 -8.94
CA ARG A 356 -11.85 -39.55 -9.57
C ARG A 356 -10.49 -40.21 -9.49
N GLU A 357 -9.47 -39.49 -9.93
CA GLU A 357 -8.13 -40.07 -10.05
C GLU A 357 -7.34 -40.19 -8.73
N LEU A 358 -7.71 -39.50 -7.65
CA LEU A 358 -6.86 -39.50 -6.41
C LEU A 358 -7.48 -40.01 -5.08
N TYR A 359 -8.76 -39.72 -4.82
CA TYR A 359 -9.42 -40.20 -3.62
C TYR A 359 -9.39 -41.73 -3.71
N GLY A 360 -9.13 -42.39 -2.59
CA GLY A 360 -9.08 -43.85 -2.55
C GLY A 360 -7.74 -44.38 -3.00
N LYS A 361 -7.29 -43.98 -4.18
CA LYS A 361 -5.96 -44.32 -4.71
C LYS A 361 -4.79 -43.64 -4.00
N VAL A 362 -5.00 -42.43 -3.46
CA VAL A 362 -3.96 -41.69 -2.74
C VAL A 362 -4.49 -41.50 -1.33
N PRO A 363 -4.15 -42.42 -0.41
CA PRO A 363 -4.79 -42.41 0.91
C PRO A 363 -4.30 -41.32 1.86
N TRP A 364 -3.25 -40.57 1.48
CA TRP A 364 -2.75 -39.39 2.26
C TRP A 364 -3.33 -38.03 1.80
N ILE A 365 -4.31 -38.07 0.91
CA ILE A 365 -5.07 -36.89 0.57
C ILE A 365 -6.29 -36.89 1.48
N LYS A 366 -6.34 -35.91 2.37
CA LYS A 366 -7.44 -35.77 3.33
C LYS A 366 -8.68 -35.16 2.70
N GLU A 367 -8.51 -34.13 1.88
CA GLU A 367 -9.64 -33.53 1.16
C GLU A 367 -9.20 -32.75 -0.08
N ILE A 368 -10.08 -32.72 -1.09
CA ILE A 368 -9.90 -31.92 -2.30
C ILE A 368 -11.07 -30.98 -2.26
N ARG A 369 -10.82 -29.67 -2.16
CA ARG A 369 -11.87 -28.70 -1.88
C ARG A 369 -11.69 -27.37 -2.61
N GLY A 370 -12.80 -26.63 -2.71
CA GLY A 370 -12.87 -25.42 -3.46
C GLY A 370 -14.21 -25.09 -4.08
N ARG A 371 -14.33 -23.81 -4.46
CA ARG A 371 -15.30 -23.34 -5.42
C ARG A 371 -14.51 -22.64 -6.53
N GLY A 372 -15.09 -22.63 -7.73
CA GLY A 372 -14.44 -22.08 -8.91
C GLY A 372 -13.00 -22.59 -9.07
N LEU A 373 -12.09 -21.66 -9.30
CA LEU A 373 -10.65 -21.96 -9.38
C LEU A 373 -9.86 -21.54 -8.12
N LEU A 374 -10.56 -21.47 -6.98
CA LEU A 374 -9.92 -21.42 -5.67
C LEU A 374 -10.03 -22.78 -5.06
N ASN A 375 -9.00 -23.61 -5.26
CA ASN A 375 -8.99 -25.04 -4.96
C ASN A 375 -7.75 -25.40 -4.18
N ALA A 376 -7.84 -26.49 -3.43
CA ALA A 376 -6.79 -26.97 -2.60
C ALA A 376 -6.89 -28.49 -2.31
N VAL A 377 -5.72 -29.08 -2.07
CA VAL A 377 -5.61 -30.47 -1.68
C VAL A 377 -4.98 -30.50 -0.30
N GLU A 378 -5.76 -30.92 0.69
CA GLU A 378 -5.26 -31.04 2.04
C GLU A 378 -4.66 -32.44 2.16
N VAL A 379 -3.35 -32.49 2.42
CA VAL A 379 -2.62 -33.72 2.60
C VAL A 379 -2.35 -33.98 4.10
N ASP A 380 -2.18 -35.25 4.46
CA ASP A 380 -1.83 -35.64 5.84
C ASP A 380 -0.32 -35.55 5.97
N SER A 381 0.15 -34.58 6.74
CA SER A 381 1.58 -34.32 6.90
C SER A 381 2.29 -35.28 7.86
N ASP A 382 1.54 -36.12 8.58
CA ASP A 382 2.18 -37.23 9.32
C ASP A 382 2.57 -38.40 8.42
N ALA A 383 1.95 -38.51 7.23
CA ALA A 383 2.18 -39.64 6.31
C ALA A 383 2.87 -39.26 4.98
N ILE A 384 3.26 -38.00 4.84
CA ILE A 384 4.11 -37.56 3.70
C ILE A 384 4.80 -36.27 4.12
N ASP A 385 5.82 -35.83 3.37
CA ASP A 385 6.33 -34.44 3.49
C ASP A 385 5.73 -33.59 2.36
N PRO A 386 4.92 -32.57 2.72
CA PRO A 386 4.27 -31.71 1.74
C PRO A 386 5.19 -31.17 0.65
N ASN A 387 6.39 -30.77 1.03
CA ASN A 387 7.36 -30.22 0.10
C ASN A 387 7.78 -31.20 -1.05
N ASP A 388 7.72 -32.51 -0.81
CA ASP A 388 7.90 -33.49 -1.88
C ASP A 388 6.86 -33.31 -2.98
N VAL A 389 5.61 -33.09 -2.57
CA VAL A 389 4.52 -32.82 -3.53
C VAL A 389 4.83 -31.55 -4.33
N VAL A 390 5.26 -30.51 -3.63
CA VAL A 390 5.58 -29.21 -4.21
C VAL A 390 6.74 -29.33 -5.19
N MET A 391 7.79 -30.04 -4.80
CA MET A 391 8.94 -30.27 -5.70
C MET A 391 8.62 -31.13 -6.94
N LYS A 392 7.75 -32.12 -6.77
CA LYS A 392 7.30 -32.92 -7.90
C LYS A 392 6.36 -32.12 -8.79
N LEU A 393 5.52 -31.26 -8.20
CA LEU A 393 4.79 -30.27 -9.01
C LEU A 393 5.74 -29.44 -9.85
N LYS A 394 6.80 -28.92 -9.24
CA LYS A 394 7.74 -28.06 -9.96
C LYS A 394 8.35 -28.80 -11.14
N GLU A 395 8.87 -30.01 -10.86
CA GLU A 395 9.44 -30.95 -11.84
C GLU A 395 8.53 -31.18 -13.05
N ASN A 396 7.21 -31.22 -12.79
CA ASN A 396 6.22 -31.39 -13.84
C ASN A 396 5.62 -30.09 -14.37
N GLY A 397 6.32 -28.97 -14.20
CA GLY A 397 5.93 -27.70 -14.81
C GLY A 397 4.85 -26.91 -14.07
N ILE A 398 4.62 -27.24 -12.79
CA ILE A 398 3.57 -26.60 -11.96
C ILE A 398 4.19 -25.86 -10.76
N LEU A 399 4.02 -24.54 -10.73
CA LEU A 399 4.44 -23.73 -9.61
C LEU A 399 3.34 -23.45 -8.62
N SER A 400 3.57 -23.77 -7.37
CA SER A 400 2.56 -23.59 -6.33
C SER A 400 3.24 -23.44 -4.96
N LYS A 401 2.50 -22.82 -4.04
CA LYS A 401 2.96 -22.72 -2.66
C LYS A 401 1.80 -23.15 -1.76
N PRO A 402 2.04 -24.09 -0.84
CA PRO A 402 1.02 -24.39 0.14
C PRO A 402 0.90 -23.34 1.24
N THR A 403 -0.21 -23.42 1.96
CA THR A 403 -0.39 -22.65 3.18
C THR A 403 -0.51 -23.60 4.36
N ARG A 404 -0.03 -23.16 5.53
CA ARG A 404 -0.07 -23.96 6.77
C ARG A 404 0.61 -25.33 6.61
N GLY A 405 1.66 -25.39 5.79
CA GLY A 405 2.43 -26.61 5.61
C GLY A 405 1.76 -27.60 4.67
N ARG A 406 0.61 -28.14 5.08
CA ARG A 406 -0.01 -29.28 4.39
C ARG A 406 -1.13 -28.97 3.35
N VAL A 407 -1.49 -27.72 3.13
CA VAL A 407 -2.58 -27.39 2.20
C VAL A 407 -2.05 -26.91 0.83
N MET A 408 -2.09 -27.82 -0.14
CA MET A 408 -1.63 -27.51 -1.48
C MET A 408 -2.69 -26.64 -2.10
N ARG A 409 -2.30 -25.57 -2.75
CA ARG A 409 -3.25 -24.67 -3.38
C ARG A 409 -3.08 -24.61 -4.88
N PHE A 410 -4.22 -24.50 -5.57
CA PHE A 410 -4.31 -24.51 -7.02
C PHE A 410 -5.18 -23.35 -7.41
N ILE A 411 -4.51 -22.29 -7.84
CA ILE A 411 -5.06 -20.98 -8.05
C ILE A 411 -4.42 -20.46 -9.34
N PRO A 412 -4.89 -20.95 -10.49
CA PRO A 412 -4.34 -20.49 -11.75
C PRO A 412 -5.04 -19.18 -12.16
N PRO A 413 -4.44 -18.43 -13.10
CA PRO A 413 -5.19 -17.36 -13.74
C PRO A 413 -6.44 -17.89 -14.41
N LEU A 414 -7.50 -17.13 -14.31
CA LEU A 414 -8.76 -17.57 -14.83
C LEU A 414 -8.77 -17.63 -16.38
N VAL A 415 -7.91 -16.85 -17.04
CA VAL A 415 -7.75 -16.89 -18.50
C VAL A 415 -7.01 -18.13 -19.04
N ILE A 416 -6.47 -18.98 -18.18
CA ILE A 416 -5.93 -20.30 -18.59
C ILE A 416 -6.86 -20.96 -19.61
N THR A 417 -6.31 -21.34 -20.77
CA THR A 417 -7.15 -21.92 -21.82
C THR A 417 -7.56 -23.35 -21.48
N ASP A 418 -8.55 -23.85 -22.21
CA ASP A 418 -9.03 -25.23 -22.07
C ASP A 418 -7.91 -26.27 -22.28
N GLU A 419 -7.13 -26.11 -23.36
CA GLU A 419 -5.96 -26.97 -23.64
C GLU A 419 -5.00 -26.90 -22.47
N GLU A 420 -4.57 -25.69 -22.12
CA GLU A 420 -3.65 -25.46 -20.95
C GLU A 420 -4.17 -26.02 -19.63
N HIS A 421 -5.46 -25.86 -19.38
CA HIS A 421 -6.00 -26.28 -18.10
C HIS A 421 -6.08 -27.79 -18.06
N ARG A 422 -6.38 -28.42 -19.19
CA ARG A 422 -6.32 -29.89 -19.26
C ARG A 422 -4.93 -30.47 -19.06
N ASP A 423 -3.95 -29.88 -19.74
CA ASP A 423 -2.56 -30.25 -19.58
C ASP A 423 -2.12 -30.11 -18.12
N ALA A 424 -2.42 -28.97 -17.50
CA ALA A 424 -2.00 -28.74 -16.10
C ALA A 424 -2.64 -29.74 -15.15
N THR A 425 -3.92 -30.00 -15.37
CA THR A 425 -4.64 -30.96 -14.54
C THR A 425 -3.96 -32.32 -14.63
N THR A 426 -3.68 -32.76 -15.86
CA THR A 426 -2.89 -33.97 -16.05
C THR A 426 -1.59 -33.91 -15.27
N ARG A 427 -0.85 -32.84 -15.44
CA ARG A 427 0.46 -32.72 -14.79
C ARG A 427 0.35 -32.76 -13.27
N ILE A 428 -0.74 -32.20 -12.76
CA ILE A 428 -1.04 -32.18 -11.32
C ILE A 428 -1.35 -33.58 -10.82
N ILE A 429 -2.36 -34.21 -11.41
CA ILE A 429 -2.69 -35.62 -11.10
C ILE A 429 -1.44 -36.49 -11.12
N LYS A 430 -0.59 -36.30 -12.14
CA LYS A 430 0.62 -37.09 -12.31
C LYS A 430 1.62 -36.93 -11.17
N SER A 431 1.76 -35.69 -10.71
CA SER A 431 2.69 -35.35 -9.63
C SER A 431 2.28 -35.99 -8.33
N PHE A 432 0.98 -35.98 -8.04
CA PHE A 432 0.49 -36.61 -6.82
C PHE A 432 0.70 -38.13 -6.90
N LEU A 433 0.40 -38.72 -8.05
CA LEU A 433 0.52 -40.18 -8.22
C LEU A 433 1.96 -40.62 -8.14
N ALA A 434 2.82 -39.90 -8.87
CA ALA A 434 4.28 -40.10 -8.78
C ALA A 434 4.85 -40.01 -7.35
N VAL A 435 4.29 -39.15 -6.51
CA VAL A 435 4.74 -39.02 -5.11
C VAL A 435 4.27 -40.24 -4.31
N GLU A 436 3.03 -40.66 -4.54
CA GLU A 436 2.46 -41.89 -3.95
C GLU A 436 3.24 -43.13 -4.38
N GLU A 437 3.36 -43.34 -5.69
CA GLU A 437 4.27 -44.33 -6.23
C GLU A 437 5.59 -44.37 -5.43
N GLU A 438 6.25 -43.21 -5.33
CA GLU A 438 7.54 -43.09 -4.65
C GLU A 438 7.48 -43.22 -3.12
N ARG A 439 6.28 -43.27 -2.56
CA ARG A 439 6.12 -43.80 -1.22
C ARG A 439 5.99 -45.32 -1.30
N ALA B 17 -3.50 11.11 -31.20
CA ALA B 17 -3.52 9.84 -30.39
C ALA B 17 -4.94 9.24 -30.26
N ARG B 18 -5.02 7.91 -30.19
CA ARG B 18 -6.29 7.17 -30.02
C ARG B 18 -6.90 7.30 -28.63
N LYS B 19 -8.22 7.28 -28.55
CA LYS B 19 -8.90 7.32 -27.25
C LYS B 19 -8.64 6.08 -26.43
N THR B 20 -8.22 6.31 -25.19
CA THR B 20 -7.98 5.25 -24.22
C THR B 20 -9.34 4.70 -23.76
N ASN B 21 -9.42 3.44 -23.32
CA ASN B 21 -10.61 2.90 -22.61
C ASN B 21 -11.18 3.91 -21.64
N ILE B 22 -10.36 4.31 -20.68
CA ILE B 22 -10.83 5.12 -19.55
C ILE B 22 -11.47 6.41 -20.04
N GLU B 23 -10.88 7.00 -21.08
CA GLU B 23 -11.39 8.23 -21.71
C GLU B 23 -12.75 8.02 -22.39
N ALA B 24 -12.93 6.88 -23.06
CA ALA B 24 -14.23 6.56 -23.73
C ALA B 24 -15.32 6.24 -22.70
N TYR B 25 -14.94 5.69 -21.53
CA TYR B 25 -15.90 5.48 -20.46
C TYR B 25 -16.44 6.81 -19.95
N ARG B 26 -15.55 7.79 -19.75
CA ARG B 26 -15.97 9.09 -19.20
C ARG B 26 -16.60 10.02 -20.24
N ASP B 27 -16.20 9.88 -21.50
CA ASP B 27 -16.92 10.49 -22.63
C ASP B 27 -18.35 9.96 -22.70
N GLY B 28 -18.51 8.65 -22.50
CA GLY B 28 -19.82 8.04 -22.33
C GLY B 28 -20.67 8.70 -21.22
N LEU B 29 -20.03 8.99 -20.08
CA LEU B 29 -20.70 9.69 -18.99
C LEU B 29 -21.01 11.17 -19.22
N LYS B 30 -20.48 11.76 -20.31
CA LYS B 30 -20.78 13.15 -20.73
C LYS B 30 -20.30 14.16 -19.69
N LEU B 31 -19.10 13.95 -19.16
CA LEU B 31 -18.46 14.84 -18.17
C LEU B 31 -17.59 15.84 -18.91
N LYS B 32 -18.07 17.07 -19.07
CA LYS B 32 -17.33 18.10 -19.80
C LYS B 32 -16.71 19.16 -18.91
N THR B 33 -17.51 19.79 -18.06
CA THR B 33 -17.04 20.93 -17.28
C THR B 33 -16.38 20.46 -16.01
N GLU B 34 -15.71 21.39 -15.35
CA GLU B 34 -15.10 21.13 -14.07
C GLU B 34 -16.15 20.65 -13.05
N GLU B 35 -17.33 21.26 -13.05
CA GLU B 35 -18.35 20.92 -12.05
C GLU B 35 -19.00 19.52 -12.31
N ASP B 36 -19.00 19.01 -13.55
CA ASP B 36 -19.44 17.61 -13.79
C ASP B 36 -18.57 16.60 -13.03
N PHE B 37 -17.29 16.92 -12.90
CA PHE B 37 -16.34 16.08 -12.22
C PHE B 37 -16.46 16.21 -10.71
N PHE B 38 -16.68 17.43 -10.22
CA PHE B 38 -16.89 17.64 -8.79
C PHE B 38 -18.12 16.89 -8.32
N ALA B 39 -19.18 16.89 -9.14
CA ALA B 39 -20.43 16.23 -8.77
C ALA B 39 -20.27 14.69 -8.76
N CYS B 40 -19.65 14.14 -9.77
CA CYS B 40 -19.33 12.74 -9.83
C CYS B 40 -18.55 12.35 -8.58
N ASP B 41 -17.57 13.15 -8.23
CA ASP B 41 -16.74 12.88 -7.05
C ASP B 41 -17.60 12.86 -5.79
N ARG B 42 -18.39 13.91 -5.57
CA ARG B 42 -19.29 13.95 -4.39
C ARG B 42 -20.26 12.76 -4.26
N GLN B 43 -20.69 12.19 -5.37
CA GLN B 43 -21.69 11.10 -5.39
C GLN B 43 -21.07 9.76 -5.09
N TYR B 44 -19.93 9.46 -5.71
CA TYR B 44 -19.42 8.09 -5.74
C TYR B 44 -18.13 7.85 -4.94
N VAL B 45 -17.36 8.91 -4.65
CA VAL B 45 -16.10 8.81 -3.92
C VAL B 45 -16.31 9.14 -2.45
N CYS B 46 -15.83 8.24 -1.58
CA CYS B 46 -15.82 8.46 -0.13
C CYS B 46 -15.26 9.82 0.15
N GLN B 47 -16.00 10.62 0.93
CA GLN B 47 -15.75 12.07 1.03
C GLN B 47 -14.83 12.39 2.19
N ASN B 48 -13.70 11.71 2.21
CA ASN B 48 -12.71 11.86 3.27
C ASN B 48 -11.60 12.88 2.95
N TYR B 49 -11.74 13.63 1.83
CA TYR B 49 -10.86 14.76 1.51
C TYR B 49 -11.63 16.05 1.22
N ALA B 50 -10.96 17.18 1.44
CA ALA B 50 -11.49 18.54 1.21
C ALA B 50 -11.25 19.04 -0.22
N VAL B 52 -10.36 20.65 -2.95
CA VAL B 52 -9.97 21.80 -3.77
C VAL B 52 -10.67 21.83 -5.16
N PRO B 53 -11.06 23.03 -5.64
CA PRO B 53 -11.60 23.09 -6.99
C PRO B 53 -10.49 23.11 -8.02
N VAL B 54 -10.19 21.93 -8.59
CA VAL B 54 -9.42 21.84 -9.82
C VAL B 54 -9.50 20.43 -10.34
N VAL B 55 -9.60 20.29 -11.65
CA VAL B 55 -9.59 18.96 -12.25
C VAL B 55 -8.37 18.82 -13.16
N ILE B 56 -7.37 18.10 -12.67
CA ILE B 56 -6.13 17.91 -13.39
C ILE B 56 -6.27 16.72 -14.30
N SER B 57 -5.76 16.84 -15.52
CA SER B 57 -5.71 15.71 -16.46
C SER B 57 -4.36 15.40 -17.07
N LYS B 58 -3.37 16.27 -16.89
CA LYS B 58 -2.04 15.97 -17.41
C LYS B 58 -0.97 16.63 -16.54
N GLY B 59 0.13 15.91 -16.33
CA GLY B 59 1.32 16.45 -15.69
C GLY B 59 2.54 16.17 -16.55
N LYS B 60 3.37 17.20 -16.75
CA LYS B 60 4.72 17.00 -17.27
C LYS B 60 5.65 17.88 -16.40
N GLY B 61 6.61 17.24 -15.75
CA GLY B 61 7.62 17.97 -14.97
C GLY B 61 7.06 18.75 -13.79
N ALA B 62 7.25 20.07 -13.81
CA ALA B 62 6.73 20.95 -12.76
C ALA B 62 5.35 21.50 -13.06
N ARG B 63 4.78 21.17 -14.22
CA ARG B 63 3.51 21.69 -14.62
C ARG B 63 2.42 20.64 -14.66
N VAL B 64 1.22 21.10 -14.41
CA VAL B 64 0.03 20.32 -14.70
C VAL B 64 -0.97 21.16 -15.46
N TRP B 65 -1.93 20.49 -16.06
CA TRP B 65 -2.99 21.15 -16.77
C TRP B 65 -4.34 20.61 -16.31
N ASP B 66 -5.28 21.52 -16.00
CA ASP B 66 -6.66 21.12 -15.78
C ASP B 66 -7.34 20.69 -17.07
N ILE B 67 -8.55 20.17 -17.01
CA ILE B 67 -9.27 19.72 -18.23
C ILE B 67 -9.54 20.78 -19.30
N ASN B 68 -9.51 22.05 -18.92
CA ASN B 68 -9.75 23.14 -19.88
C ASN B 68 -8.51 23.58 -20.64
N GLY B 69 -7.37 22.97 -20.35
CA GLY B 69 -6.09 23.43 -20.86
C GLY B 69 -5.42 24.54 -20.06
N ASN B 70 -5.92 24.91 -18.86
CA ASN B 70 -5.20 25.86 -17.98
C ASN B 70 -4.01 25.25 -17.29
N GLU B 71 -2.92 25.99 -17.30
CA GLU B 71 -1.65 25.45 -16.86
C GLU B 71 -1.33 25.99 -15.49
N TYR B 72 -0.76 25.13 -14.66
CA TYR B 72 -0.32 25.49 -13.32
C TYR B 72 1.07 24.94 -13.03
N TYR B 73 1.67 25.49 -12.00
CA TYR B 73 2.83 24.89 -11.35
C TYR B 73 2.31 24.08 -10.20
N ASP B 74 2.74 22.82 -10.12
CA ASP B 74 2.40 21.94 -9.01
C ASP B 74 3.39 22.17 -7.87
N PHE B 75 2.91 22.81 -6.81
CA PHE B 75 3.74 23.12 -5.63
C PHE B 75 3.36 22.29 -4.41
N LEU B 76 2.77 21.15 -4.69
CA LEU B 76 2.64 20.12 -3.70
C LEU B 76 3.44 18.88 -4.07
N ALA B 77 3.41 18.52 -5.36
CA ALA B 77 4.21 17.43 -5.94
C ALA B 77 4.06 16.19 -5.07
N GLY B 78 2.80 15.91 -4.73
CA GLY B 78 2.41 14.81 -3.90
C GLY B 78 2.93 14.83 -2.47
N VAL B 79 3.16 16.01 -1.95
CA VAL B 79 3.94 16.19 -0.73
C VAL B 79 5.31 15.48 -0.83
N SER B 80 6.03 15.79 -1.91
CA SER B 80 7.36 15.27 -2.25
C SER B 80 7.37 13.81 -2.70
N SER B 81 6.32 13.42 -3.44
CA SER B 81 6.24 12.18 -4.19
C SER B 81 6.70 12.31 -5.63
N LEU B 82 6.69 13.53 -6.16
CA LEU B 82 6.96 13.81 -7.56
C LEU B 82 8.19 14.68 -7.77
N SER B 83 9.21 14.45 -6.95
CA SER B 83 10.44 15.19 -7.04
C SER B 83 11.08 15.16 -8.45
N GLN B 84 10.92 14.03 -9.11
CA GLN B 84 11.42 13.87 -10.46
C GLN B 84 10.49 14.48 -11.54
N GLY B 85 9.47 15.22 -11.11
CA GLY B 85 8.45 15.73 -12.00
C GLY B 85 7.39 14.70 -12.33
N HIS B 86 6.24 15.20 -12.78
CA HIS B 86 5.21 14.35 -13.33
C HIS B 86 5.71 13.69 -14.60
N CYS B 87 5.36 12.41 -14.79
CA CYS B 87 5.56 11.70 -16.05
C CYS B 87 6.96 11.89 -16.65
N HIS B 88 7.97 11.66 -15.81
CA HIS B 88 9.35 11.70 -16.25
C HIS B 88 9.57 10.62 -17.33
N PRO B 89 10.09 10.99 -18.52
CA PRO B 89 10.24 10.02 -19.65
C PRO B 89 10.93 8.72 -19.30
N ARG B 90 12.04 8.81 -18.59
CA ARG B 90 12.80 7.60 -18.26
C ARG B 90 12.06 6.71 -17.32
N VAL B 91 11.33 7.27 -16.37
CA VAL B 91 10.65 6.44 -15.38
C VAL B 91 9.49 5.72 -16.05
N ILE B 92 8.74 6.46 -16.87
CA ILE B 92 7.66 5.89 -17.67
C ILE B 92 8.15 4.81 -18.59
N ALA B 93 9.21 5.09 -19.34
CA ALA B 93 9.80 4.06 -20.21
C ALA B 93 10.22 2.79 -19.42
N ALA B 94 10.62 2.96 -18.16
CA ALA B 94 11.04 1.82 -17.35
C ALA B 94 9.85 1.02 -16.84
N LEU B 95 8.81 1.76 -16.48
CA LEU B 95 7.53 1.17 -16.17
C LEU B 95 7.06 0.33 -17.34
N CYS B 96 6.94 0.94 -18.51
CA CYS B 96 6.35 0.23 -19.66
C CYS B 96 7.09 -1.00 -20.19
N ARG B 97 8.41 -0.94 -20.15
CA ARG B 97 9.24 -2.02 -20.63
C ARG B 97 9.23 -3.19 -19.64
N GLN B 98 9.23 -2.90 -18.34
CA GLN B 98 9.11 -4.00 -17.34
C GLN B 98 7.67 -4.53 -17.27
N ALA B 99 6.70 -3.64 -17.40
CA ALA B 99 5.27 -4.00 -17.43
C ALA B 99 4.92 -5.07 -18.48
N GLU B 100 5.59 -5.03 -19.63
CA GLU B 100 5.36 -5.99 -20.72
C GLU B 100 6.02 -7.35 -20.50
N ARG B 101 6.96 -7.40 -19.57
CA ARG B 101 7.75 -8.59 -19.28
C ARG B 101 7.18 -9.37 -18.07
N LEU B 102 7.02 -8.67 -16.94
CA LEU B 102 6.63 -9.31 -15.67
C LEU B 102 6.27 -8.27 -14.61
N THR B 103 5.05 -8.31 -14.06
CA THR B 103 4.72 -7.38 -12.96
C THR B 103 4.68 -7.95 -11.57
N LEU B 104 4.40 -9.23 -11.41
CA LEU B 104 4.19 -9.75 -10.07
C LEU B 104 4.47 -11.20 -10.06
N THR B 105 5.17 -11.65 -9.02
CA THR B 105 5.36 -13.07 -8.78
C THR B 105 5.00 -13.51 -7.38
N LEU B 106 4.81 -12.54 -6.47
CA LEU B 106 4.95 -12.74 -5.02
C LEU B 106 6.37 -13.07 -4.66
N ARG B 107 6.71 -12.78 -3.41
CA ARG B 107 8.01 -13.19 -2.90
C ARG B 107 8.11 -14.68 -2.57
N ALA B 108 7.07 -15.45 -2.86
CA ALA B 108 7.13 -16.93 -2.78
C ALA B 108 7.86 -17.60 -3.95
N PHE B 109 8.16 -16.87 -5.02
CA PHE B 109 8.96 -17.36 -6.11
C PHE B 109 10.03 -16.31 -6.26
N GLY B 110 11.16 -16.63 -6.86
CA GLY B 110 12.21 -15.65 -7.06
C GLY B 110 11.92 -14.93 -8.35
N ASN B 111 12.62 -13.83 -8.61
CA ASN B 111 12.58 -13.26 -9.93
C ASN B 111 13.89 -12.56 -10.24
N ASP B 112 14.01 -12.01 -11.43
CA ASP B 112 15.29 -11.43 -11.87
C ASP B 112 15.44 -9.92 -11.56
N VAL B 113 14.56 -9.35 -10.74
CA VAL B 113 14.52 -7.89 -10.53
C VAL B 113 14.66 -7.43 -9.09
N THR B 114 14.05 -8.16 -8.18
CA THR B 114 13.90 -7.76 -6.80
C THR B 114 15.20 -7.77 -6.01
N GLY B 115 15.95 -8.87 -6.13
CA GLY B 115 17.30 -8.99 -5.55
C GLY B 115 18.26 -7.89 -6.02
N PRO B 116 18.46 -7.77 -7.34
CA PRO B 116 19.26 -6.66 -7.87
C PRO B 116 18.79 -5.28 -7.42
N ALA B 117 17.48 -5.07 -7.38
CA ALA B 117 16.95 -3.79 -6.95
C ALA B 117 17.32 -3.51 -5.51
N CYS B 118 17.26 -4.51 -4.65
CA CYS B 118 17.59 -4.33 -3.23
C CYS B 118 19.05 -4.05 -3.01
N ARG B 119 19.90 -4.77 -3.72
CA ARG B 119 21.32 -4.49 -3.76
C ARG B 119 21.56 -3.04 -4.16
N PHE B 120 20.88 -2.59 -5.18
CA PHE B 120 21.05 -1.21 -5.64
C PHE B 120 20.77 -0.23 -4.52
N MET B 121 19.66 -0.42 -3.84
CA MET B 121 19.30 0.48 -2.76
C MET B 121 20.25 0.31 -1.60
N ALA B 122 20.51 -0.94 -1.21
CA ALA B 122 21.48 -1.26 -0.16
C ALA B 122 22.81 -0.52 -0.34
N GLU B 123 23.34 -0.53 -1.55
CA GLU B 123 24.54 0.22 -1.88
C GLU B 123 24.38 1.73 -1.94
N MET B 124 23.28 2.23 -2.48
CA MET B 124 23.13 3.70 -2.59
C MET B 124 22.99 4.35 -1.22
N PHE B 125 22.33 3.68 -0.30
CA PHE B 125 22.05 4.27 1.02
C PHE B 125 22.92 3.71 2.13
N GLY B 126 23.70 2.67 1.84
CA GLY B 126 24.65 2.08 2.79
C GLY B 126 24.10 1.14 3.87
N TYR B 127 23.20 0.22 3.50
CA TYR B 127 22.66 -0.69 4.50
C TYR B 127 22.79 -2.09 4.04
N ASP B 128 22.68 -3.02 4.97
CA ASP B 128 22.84 -4.46 4.70
C ASP B 128 21.60 -5.10 4.07
N ARG B 129 20.42 -4.71 4.52
CA ARG B 129 19.17 -5.38 4.17
C ARG B 129 18.05 -4.42 3.83
N VAL B 130 17.29 -4.76 2.78
CA VAL B 130 16.15 -3.93 2.33
C VAL B 130 14.84 -4.74 2.37
N LEU B 131 13.87 -4.19 3.10
CA LEU B 131 12.51 -4.65 3.07
C LEU B 131 11.68 -3.68 2.20
N LEU B 132 11.15 -4.19 1.11
CA LEU B 132 10.29 -3.43 0.24
C LEU B 132 8.85 -3.60 0.60
N MET B 133 8.15 -2.49 0.82
CA MET B 133 6.69 -2.52 1.06
C MET B 133 6.03 -1.61 0.03
N ASN B 134 4.74 -1.29 0.17
CA ASN B 134 4.04 -0.49 -0.84
C ASN B 134 3.82 0.93 -0.40
N THR B 135 3.25 1.14 0.79
CA THR B 135 3.00 2.48 1.29
C THR B 135 3.95 2.92 2.43
N GLY B 136 3.98 4.25 2.60
CA GLY B 136 4.70 4.91 3.66
C GLY B 136 4.37 4.38 5.04
N ALA B 137 3.08 4.26 5.30
CA ALA B 137 2.53 3.72 6.52
C ALA B 137 2.94 2.28 6.77
N GLU B 138 2.88 1.44 5.74
CA GLU B 138 3.41 0.06 5.89
C GLU B 138 4.88 -0.01 6.31
N ALA B 139 5.68 0.91 5.80
CA ALA B 139 7.07 0.97 6.12
C ALA B 139 7.20 1.34 7.59
N GLY B 140 6.39 2.32 8.02
CA GLY B 140 6.35 2.71 9.40
C GLY B 140 5.96 1.54 10.28
N GLU B 141 4.87 0.85 9.94
CA GLU B 141 4.46 -0.29 10.74
C GLU B 141 5.54 -1.36 10.76
N SER B 142 6.09 -1.66 9.58
CA SER B 142 7.12 -2.67 9.47
C SER B 142 8.33 -2.39 10.41
N ALA B 143 8.70 -1.10 10.51
CA ALA B 143 9.72 -0.60 11.43
C ALA B 143 9.36 -0.82 12.89
N LEU B 144 8.11 -0.55 13.24
CA LEU B 144 7.67 -0.76 14.65
C LEU B 144 7.71 -2.25 15.00
N LYS B 145 7.25 -3.06 14.06
CA LYS B 145 7.28 -4.50 14.21
C LYS B 145 8.73 -5.00 14.41
N ILE B 146 9.63 -4.53 13.56
CA ILE B 146 11.06 -4.92 13.63
C ILE B 146 11.70 -4.51 14.96
N ALA B 147 11.43 -3.29 15.41
CA ALA B 147 11.99 -2.75 16.63
C ALA B 147 11.48 -3.50 17.85
N ARG B 148 10.17 -3.67 17.91
CA ARG B 148 9.57 -4.45 18.97
C ARG B 148 10.20 -5.85 19.05
N LYS B 149 10.21 -6.56 17.92
CA LYS B 149 10.67 -7.95 17.90
C LYS B 149 12.14 -8.06 18.25
N TRP B 150 12.93 -7.09 17.79
CA TRP B 150 14.33 -6.94 18.17
C TRP B 150 14.52 -6.64 19.67
N ALA B 151 13.66 -5.82 20.23
CA ALA B 151 13.73 -5.51 21.66
C ALA B 151 13.46 -6.73 22.52
N TYR B 152 12.47 -7.52 22.11
CA TYR B 152 12.16 -8.78 22.79
C TYR B 152 13.25 -9.84 22.66
N GLU B 153 13.79 -10.00 21.45
CA GLU B 153 14.64 -11.15 21.16
C GLU B 153 16.14 -10.89 21.39
N VAL B 154 16.56 -9.63 21.27
CA VAL B 154 17.95 -9.26 21.40
C VAL B 154 18.18 -8.46 22.69
N LYS B 155 17.39 -7.43 22.95
CA LYS B 155 17.49 -6.70 24.22
C LYS B 155 16.86 -7.49 25.36
N GLU B 156 16.00 -8.44 25.04
CA GLU B 156 15.37 -9.34 26.04
C GLU B 156 14.53 -8.58 27.12
N ILE B 157 13.73 -7.61 26.69
CA ILE B 157 12.78 -6.94 27.59
C ILE B 157 11.53 -7.81 27.74
N PRO B 158 10.73 -7.56 28.79
CA PRO B 158 9.58 -8.43 29.01
C PRO B 158 8.59 -8.43 27.84
N PRO B 159 7.85 -9.56 27.66
CA PRO B 159 6.82 -9.61 26.61
C PRO B 159 5.76 -8.49 26.79
N ASP B 160 5.36 -7.88 25.66
CA ASP B 160 4.37 -6.78 25.64
C ASP B 160 4.73 -5.48 26.38
N SER B 161 5.99 -5.35 26.81
CA SER B 161 6.43 -4.17 27.51
C SER B 161 7.16 -3.18 26.60
N ALA B 162 7.44 -3.53 25.35
CA ALA B 162 8.21 -2.65 24.48
C ALA B 162 7.52 -1.29 24.32
N LYS B 163 8.32 -0.23 24.29
CA LYS B 163 7.82 1.11 24.10
C LYS B 163 8.54 1.71 22.92
N VAL B 164 7.84 2.63 22.24
CA VAL B 164 8.43 3.44 21.21
C VAL B 164 8.12 4.90 21.47
N ILE B 165 9.16 5.73 21.40
CA ILE B 165 9.05 7.15 21.65
C ILE B 165 8.80 7.84 20.30
N LEU B 166 7.86 8.77 20.29
CA LEU B 166 7.52 9.61 19.11
C LEU B 166 7.32 11.02 19.57
N CYS B 167 7.26 11.92 18.60
CA CYS B 167 7.09 13.34 18.84
C CYS B 167 5.66 13.83 18.61
N ASN B 168 5.24 14.83 19.38
CA ASN B 168 3.94 15.47 19.21
C ASN B 168 3.86 16.02 17.80
N ASN B 169 2.68 15.87 17.15
CA ASN B 169 2.44 16.28 15.76
C ASN B 169 3.12 15.44 14.67
N ASN B 170 3.68 14.29 15.03
CA ASN B 170 4.18 13.38 14.00
C ASN B 170 3.06 12.98 13.05
N TYR B 171 3.44 12.68 11.82
CA TYR B 171 2.58 12.03 10.87
C TYR B 171 3.37 10.91 10.21
N TRP B 172 2.95 9.65 10.36
CA TRP B 172 3.53 8.54 9.59
C TRP B 172 2.54 7.64 8.82
N GLY B 173 1.22 7.91 8.98
CA GLY B 173 0.17 7.28 8.19
C GLY B 173 -1.18 7.14 8.92
N ARG B 174 -2.04 6.28 8.37
CA ARG B 174 -3.45 6.20 8.78
C ARG B 174 -3.91 4.85 9.32
N THR B 175 -2.99 3.91 9.58
CA THR B 175 -3.38 2.62 10.18
C THR B 175 -3.84 2.89 11.58
N ILE B 176 -4.55 1.94 12.18
CA ILE B 176 -5.03 2.10 13.55
C ILE B 176 -3.86 2.32 14.53
N THR B 177 -2.73 1.67 14.28
CA THR B 177 -1.58 1.88 15.11
C THR B 177 -0.98 3.30 14.89
N ALA B 178 -0.98 3.80 13.64
CA ALA B 178 -0.58 5.18 13.43
C ALA B 178 -1.50 6.17 14.14
N CYS B 179 -2.79 5.96 14.04
CA CYS B 179 -3.73 6.74 14.83
C CYS B 179 -3.40 6.67 16.33
N SER B 180 -3.10 5.47 16.81
CA SER B 180 -2.78 5.24 18.20
C SER B 180 -1.61 6.05 18.72
N SER B 181 -0.72 6.48 17.84
CA SER B 181 0.47 7.21 18.21
C SER B 181 0.44 8.64 17.68
N SER B 182 -0.75 9.17 17.37
CA SER B 182 -0.88 10.52 16.86
C SER B 182 -1.35 11.41 17.98
N THR B 183 -1.05 12.71 17.87
CA THR B 183 -1.62 13.73 18.76
C THR B 183 -2.58 14.64 18.03
N THR B 184 -2.90 14.26 16.79
CA THR B 184 -3.78 15.04 15.94
C THR B 184 -5.19 14.47 16.12
N PHE B 185 -6.07 15.29 16.68
CA PHE B 185 -7.43 14.88 16.98
C PHE B 185 -8.13 14.13 15.84
N ASP B 186 -8.23 14.76 14.68
CA ASP B 186 -8.93 14.14 13.55
C ASP B 186 -8.35 12.82 13.08
N CYS B 187 -7.02 12.65 13.21
N CYS B 187 -7.02 12.64 13.20
CA CYS B 187 -6.36 11.38 12.89
CA CYS B 187 -6.39 11.36 12.91
C CYS B 187 -6.80 10.25 13.84
C CYS B 187 -6.85 10.25 13.84
N TYR B 188 -6.88 10.50 15.15
CA TYR B 188 -7.25 9.45 16.18
C TYR B 188 -8.74 9.36 16.59
N ASN B 189 -9.49 10.47 16.54
CA ASN B 189 -10.84 10.56 17.14
C ASN B 189 -11.83 9.48 16.67
N ASN B 190 -12.36 8.74 17.65
CA ASN B 190 -13.37 7.68 17.41
C ASN B 190 -12.87 6.48 16.58
N PHE B 191 -11.55 6.29 16.52
CA PHE B 191 -10.95 5.14 15.85
C PHE B 191 -10.34 4.14 16.84
N GLY B 192 -10.64 4.32 18.12
CA GLY B 192 -10.13 3.41 19.14
C GLY B 192 -11.00 2.17 19.36
N PRO B 193 -10.59 1.30 20.28
CA PRO B 193 -9.41 1.46 21.15
C PRO B 193 -8.04 1.34 20.44
N PHE B 194 -7.01 1.87 21.12
CA PHE B 194 -5.73 2.15 20.49
C PHE B 194 -4.67 1.15 20.87
N THR B 195 -3.76 0.92 19.95
CA THR B 195 -2.58 0.14 20.21
C THR B 195 -1.74 0.81 21.29
N PRO B 196 -1.52 0.13 22.44
CA PRO B 196 -0.61 0.72 23.47
C PRO B 196 0.85 0.60 23.04
N GLY B 197 1.76 1.19 23.83
CA GLY B 197 3.21 1.12 23.63
C GLY B 197 3.95 2.40 23.17
N PHE B 198 3.35 3.57 23.37
CA PHE B 198 3.93 4.81 22.84
C PHE B 198 4.07 5.89 23.90
N GLU B 199 5.10 6.69 23.74
CA GLU B 199 5.47 7.72 24.67
C GLU B 199 5.64 8.95 23.81
N LEU B 200 4.77 9.93 23.97
CA LEU B 200 4.91 11.15 23.19
C LEU B 200 5.67 12.23 23.93
N ILE B 201 6.60 12.84 23.21
CA ILE B 201 7.40 13.94 23.71
C ILE B 201 7.37 15.07 22.68
N ASP B 202 7.84 16.25 23.09
CA ASP B 202 7.92 17.39 22.17
C ASP B 202 9.00 17.12 21.13
N TYR B 203 8.67 17.46 19.89
CA TYR B 203 9.64 17.58 18.83
C TYR B 203 10.74 18.56 19.22
N ASP B 204 11.93 18.37 18.68
CA ASP B 204 13.05 19.31 18.88
C ASP B 204 13.37 19.59 20.35
N ASP B 205 13.26 18.57 21.19
CA ASP B 205 13.55 18.69 22.63
C ASP B 205 14.45 17.54 23.14
N VAL B 206 15.72 17.88 23.30
CA VAL B 206 16.73 16.91 23.74
C VAL B 206 16.52 16.51 25.19
N GLY B 207 16.11 17.47 26.03
CA GLY B 207 15.80 17.20 27.42
C GLY B 207 14.73 16.13 27.56
N ALA B 208 13.61 16.33 26.87
CA ALA B 208 12.49 15.40 26.88
C ALA B 208 12.83 14.03 26.25
N LEU B 209 13.64 14.01 25.21
CA LEU B 209 14.12 12.75 24.67
C LEU B 209 14.97 12.02 25.71
N GLU B 210 15.95 12.75 26.28
CA GLU B 210 16.88 12.16 27.29
C GLU B 210 16.14 11.56 28.47
N GLU B 211 15.16 12.31 28.98
CA GLU B 211 14.33 11.83 30.06
C GLU B 211 13.59 10.53 29.66
N ALA B 212 12.93 10.51 28.50
CA ALA B 212 12.13 9.36 28.09
C ALA B 212 12.99 8.11 27.81
N LEU B 213 14.21 8.32 27.37
CA LEU B 213 15.18 7.21 27.25
C LEU B 213 15.62 6.52 28.56
N LYS B 214 15.31 7.09 29.72
CA LYS B 214 15.54 6.41 31.01
C LYS B 214 14.80 5.07 31.18
N ASP B 215 13.62 4.92 30.58
CA ASP B 215 12.83 3.68 30.66
C ASP B 215 13.55 2.64 29.84
N PRO B 216 14.02 1.55 30.49
CA PRO B 216 14.69 0.47 29.71
C PRO B 216 13.79 -0.31 28.76
N ASN B 217 12.49 -0.18 28.89
CA ASN B 217 11.57 -0.85 27.97
C ASN B 217 11.48 -0.22 26.57
N VAL B 218 12.13 0.92 26.37
CA VAL B 218 12.10 1.59 25.10
C VAL B 218 12.88 0.77 24.10
N ALA B 219 12.19 0.40 23.04
CA ALA B 219 12.80 -0.24 21.84
C ALA B 219 13.32 0.76 20.80
N ALA B 220 12.62 1.86 20.54
CA ALA B 220 13.08 2.80 19.52
C ALA B 220 12.61 4.22 19.78
N PHE B 221 13.34 5.15 19.15
CA PHE B 221 12.87 6.51 18.95
C PHE B 221 12.57 6.65 17.46
N PHE B 222 11.35 7.12 17.14
CA PHE B 222 10.86 7.17 15.78
C PHE B 222 10.59 8.63 15.46
N VAL B 223 11.35 9.21 14.52
CA VAL B 223 11.37 10.67 14.31
C VAL B 223 11.58 11.10 12.80
N GLU B 224 11.03 12.26 12.43
CA GLU B 224 11.24 12.91 11.11
C GLU B 224 12.30 14.03 11.28
N PRO B 225 13.28 14.12 10.36
CA PRO B 225 14.28 15.20 10.45
C PRO B 225 13.74 16.61 10.32
N ILE B 226 12.63 16.76 9.60
CA ILE B 226 11.80 17.97 9.60
C ILE B 226 10.41 17.43 9.70
N GLN B 227 9.56 17.97 10.55
CA GLN B 227 8.19 17.46 10.61
C GLN B 227 7.40 17.91 9.39
N GLY B 228 6.89 16.95 8.63
CA GLY B 228 6.21 17.24 7.35
C GLY B 228 4.80 17.81 7.48
N GLU B 229 3.84 16.93 7.75
CA GLU B 229 2.43 17.32 7.91
C GLU B 229 2.24 18.18 9.17
N GLY B 230 3.15 18.02 10.14
CA GLY B 230 3.13 18.81 11.35
C GLY B 230 3.36 20.31 11.15
N GLY B 231 3.86 20.70 9.98
CA GLY B 231 4.01 22.11 9.57
C GLY B 231 5.39 22.56 9.10
N VAL B 232 6.11 21.69 8.43
CA VAL B 232 7.51 21.96 8.05
C VAL B 232 8.30 22.56 9.24
N ASN B 233 8.28 21.83 10.35
CA ASN B 233 8.98 22.24 11.56
C ASN B 233 10.40 21.78 11.54
N VAL B 234 11.30 22.75 11.44
CA VAL B 234 12.71 22.50 11.31
C VAL B 234 13.30 22.53 12.69
N PRO B 235 13.89 21.42 13.17
CA PRO B 235 14.51 21.43 14.50
C PRO B 235 15.76 22.30 14.59
N LYS B 236 16.23 22.58 15.80
CA LYS B 236 17.44 23.36 16.02
C LYS B 236 18.65 22.56 15.54
N PRO B 237 19.70 23.23 15.03
CA PRO B 237 20.92 22.52 14.62
C PRO B 237 21.40 21.53 15.68
N GLY B 238 21.93 20.42 15.21
CA GLY B 238 22.44 19.34 16.06
C GLY B 238 21.41 18.41 16.69
N TYR B 239 20.14 18.58 16.36
CA TYR B 239 19.08 17.91 17.15
C TYR B 239 19.14 16.43 16.88
N LEU B 240 19.17 16.09 15.61
CA LEU B 240 19.23 14.71 15.23
C LEU B 240 20.59 14.06 15.59
N LYS B 241 21.68 14.83 15.59
CA LYS B 241 22.99 14.32 15.95
C LYS B 241 22.95 13.90 17.40
N ARG B 242 22.54 14.83 18.26
CA ARG B 242 22.47 14.61 19.67
C ARG B 242 21.46 13.52 20.04
N ALA B 243 20.34 13.50 19.34
CA ALA B 243 19.38 12.45 19.56
C ALA B 243 20.02 11.10 19.28
N HIS B 244 20.84 10.99 18.24
CA HIS B 244 21.37 9.67 17.94
C HIS B 244 22.32 9.20 19.03
N GLU B 245 23.18 10.09 19.50
CA GLU B 245 24.03 9.79 20.63
C GLU B 245 23.27 9.25 21.83
N LEU B 246 22.16 9.91 22.17
CA LEU B 246 21.37 9.54 23.34
C LEU B 246 20.75 8.15 23.21
N CYS B 247 20.15 7.89 22.05
CA CYS B 247 19.58 6.59 21.76
C CYS B 247 20.69 5.49 21.85
N ARG B 248 21.82 5.74 21.18
CA ARG B 248 22.92 4.77 21.09
C ARG B 248 23.44 4.39 22.50
N SER B 249 23.45 5.36 23.40
CA SER B 249 23.94 5.11 24.75
C SER B 249 23.00 4.22 25.58
N LYS B 250 21.73 4.19 25.22
CA LYS B 250 20.72 3.35 25.90
C LYS B 250 20.37 2.09 25.13
N ASN B 251 21.11 1.81 24.07
CA ASN B 251 20.84 0.70 23.17
C ASN B 251 19.41 0.77 22.59
N VAL B 252 19.05 1.96 22.13
CA VAL B 252 17.73 2.23 21.57
C VAL B 252 17.89 2.57 20.09
N LEU B 253 17.09 1.93 19.24
CA LEU B 253 17.15 2.18 17.79
C LEU B 253 16.68 3.59 17.43
N LEU B 254 17.40 4.25 16.54
CA LEU B 254 16.94 5.47 15.93
C LEU B 254 16.31 5.13 14.58
N ILE B 255 14.98 5.28 14.50
CA ILE B 255 14.24 5.13 13.25
C ILE B 255 13.91 6.51 12.70
N VAL B 256 14.46 6.84 11.53
CA VAL B 256 14.29 8.13 10.91
C VAL B 256 13.42 7.95 9.69
N ASP B 257 12.32 8.72 9.67
CA ASP B 257 11.32 8.62 8.63
C ASP B 257 11.74 9.68 7.61
N GLU B 258 12.24 9.23 6.48
CA GLU B 258 12.65 10.12 5.40
C GLU B 258 11.70 10.02 4.20
N ILE B 259 10.51 9.49 4.43
CA ILE B 259 9.51 9.31 3.37
C ILE B 259 9.23 10.62 2.63
N GLN B 260 9.09 11.69 3.41
CA GLN B 260 8.81 13.05 2.92
C GLN B 260 10.07 13.90 2.72
N THR B 261 11.01 13.80 3.69
CA THR B 261 12.26 14.61 3.66
C THR B 261 13.39 14.06 2.81
N GLY B 262 13.37 12.76 2.52
CA GLY B 262 14.50 12.09 1.88
C GLY B 262 14.57 12.33 0.38
N LEU B 263 15.49 11.62 -0.26
CA LEU B 263 15.62 11.68 -1.71
C LEU B 263 15.71 13.10 -2.25
N CYS B 264 16.68 13.86 -1.74
CA CYS B 264 17.12 15.14 -2.34
C CYS B 264 16.25 16.36 -2.05
N ARG B 265 15.04 16.13 -1.56
CA ARG B 265 14.07 17.19 -1.27
C ARG B 265 14.67 18.36 -0.47
N THR B 266 15.51 18.05 0.51
CA THR B 266 16.07 19.07 1.42
C THR B 266 17.49 19.53 1.08
N GLY B 267 17.97 19.20 -0.11
CA GLY B 267 19.31 19.61 -0.51
C GLY B 267 20.33 18.50 -0.44
N ARG B 268 20.00 17.37 0.19
CA ARG B 268 20.91 16.24 0.33
C ARG B 268 20.14 14.95 0.12
N LEU B 269 20.83 13.87 -0.20
CA LEU B 269 20.22 12.55 -0.44
C LEU B 269 19.25 12.17 0.64
N LEU B 270 19.69 12.22 1.89
CA LEU B 270 18.82 12.13 3.07
C LEU B 270 18.90 13.42 3.88
N ALA B 271 17.81 13.84 4.51
CA ALA B 271 17.85 15.02 5.40
C ALA B 271 18.78 14.79 6.58
N ALA B 272 18.80 13.54 7.06
CA ALA B 272 19.73 13.14 8.12
C ALA B 272 21.23 13.37 7.82
N ASP B 273 21.60 13.40 6.55
CA ASP B 273 22.97 13.72 6.14
C ASP B 273 23.41 15.07 6.59
N HIS B 274 22.48 16.02 6.75
CA HIS B 274 22.83 17.33 7.30
C HIS B 274 23.52 17.16 8.66
N ASP B 275 23.14 16.14 9.41
CA ASP B 275 23.75 15.90 10.73
C ASP B 275 24.75 14.72 10.79
N GLU B 276 25.23 14.28 9.64
CA GLU B 276 25.93 12.99 9.48
C GLU B 276 25.38 11.90 10.39
N VAL B 277 24.06 11.78 10.37
CA VAL B 277 23.39 10.71 11.02
C VAL B 277 23.10 9.64 9.97
N HIS B 278 23.47 8.42 10.29
CA HIS B 278 23.13 7.27 9.51
C HIS B 278 22.10 6.52 10.38
N PRO B 279 20.80 6.65 10.07
CA PRO B 279 19.77 6.04 10.92
C PRO B 279 20.00 4.54 11.11
N ASP B 280 19.66 4.01 12.28
CA ASP B 280 19.67 2.55 12.50
C ASP B 280 18.60 1.84 11.65
N ILE B 281 17.44 2.49 11.48
CA ILE B 281 16.47 2.06 10.49
C ILE B 281 16.05 3.29 9.68
N LEU B 282 15.94 3.09 8.39
CA LEU B 282 15.62 4.15 7.46
C LEU B 282 14.36 3.82 6.76
N LEU B 283 13.47 4.80 6.69
CA LEU B 283 12.23 4.68 5.94
C LEU B 283 12.27 5.57 4.73
N LEU B 284 11.92 5.04 3.58
CA LEU B 284 11.70 5.85 2.39
C LEU B 284 10.41 5.46 1.70
N GLY B 285 9.90 6.36 0.87
CA GLY B 285 8.73 6.11 0.05
C GLY B 285 8.55 7.26 -0.90
N LYS B 286 7.31 7.53 -1.31
CA LYS B 286 6.95 8.72 -2.06
C LYS B 286 7.80 8.84 -3.32
N SER B 287 8.76 9.74 -3.38
CA SER B 287 9.60 9.91 -4.56
C SER B 287 10.48 8.70 -4.91
N LEU B 288 10.54 7.70 -4.05
CA LEU B 288 11.23 6.44 -4.36
C LEU B 288 10.74 5.84 -5.71
N SER B 289 9.49 6.14 -6.07
CA SER B 289 8.84 5.68 -7.28
C SER B 289 8.54 6.79 -8.27
N ALA B 290 9.21 7.92 -8.14
CA ALA B 290 8.82 9.13 -8.83
C ALA B 290 7.28 9.22 -8.96
N GLY B 291 6.56 8.89 -7.88
CA GLY B 291 5.10 8.90 -7.85
C GLY B 291 4.34 8.13 -8.94
N VAL B 292 4.92 7.05 -9.45
CA VAL B 292 4.30 6.28 -10.52
C VAL B 292 3.54 5.14 -9.89
N VAL B 293 4.13 4.52 -8.85
CA VAL B 293 3.54 3.41 -8.13
C VAL B 293 3.95 3.43 -6.64
N PRO B 294 3.06 2.97 -5.76
CA PRO B 294 3.44 2.94 -4.37
C PRO B 294 4.51 1.89 -4.12
N ILE B 295 5.68 2.36 -3.73
CA ILE B 295 6.73 1.49 -3.21
C ILE B 295 7.37 2.24 -2.07
N SER B 296 7.57 1.56 -0.94
CA SER B 296 8.32 2.10 0.19
C SER B 296 9.42 1.14 0.60
N ALA B 297 10.31 1.56 1.49
CA ALA B 297 11.46 0.70 1.88
C ALA B 297 11.81 0.89 3.34
N VAL B 298 12.15 -0.21 3.98
CA VAL B 298 12.74 -0.18 5.29
C VAL B 298 14.15 -0.74 5.18
N MET B 299 15.14 0.04 5.58
CA MET B 299 16.54 -0.37 5.50
C MET B 299 17.18 -0.33 6.85
N GLY B 300 17.93 -1.38 7.18
CA GLY B 300 18.69 -1.42 8.45
C GLY B 300 19.82 -2.43 8.41
N ARG B 301 20.64 -2.41 9.45
CA ARG B 301 21.67 -3.42 9.59
C ARG B 301 21.10 -4.83 9.78
N ALA B 302 21.94 -5.81 9.40
CA ALA B 302 21.59 -7.26 9.46
C ALA B 302 21.07 -7.77 10.77
N ASP B 303 21.73 -7.44 11.87
CA ASP B 303 21.35 -7.98 13.18
C ASP B 303 20.08 -7.37 13.78
N VAL B 304 19.49 -6.40 13.08
CA VAL B 304 18.18 -5.86 13.41
C VAL B 304 17.11 -6.38 12.43
N MET B 305 17.33 -6.17 11.15
CA MET B 305 16.39 -6.58 10.11
C MET B 305 16.19 -8.09 10.05
N ASP B 306 17.20 -8.87 10.46
CA ASP B 306 17.14 -10.33 10.41
C ASP B 306 16.24 -10.97 11.44
N VAL B 307 15.66 -10.20 12.36
CA VAL B 307 14.61 -10.77 13.24
C VAL B 307 13.33 -11.15 12.51
N LEU B 308 13.08 -10.54 11.35
CA LEU B 308 11.97 -10.94 10.51
C LEU B 308 12.25 -12.25 9.78
N LYS B 309 11.93 -13.37 10.43
CA LYS B 309 12.18 -14.71 9.88
C LYS B 309 11.03 -15.12 8.92
N PRO B 310 11.18 -16.20 8.12
CA PRO B 310 10.18 -16.58 7.14
C PRO B 310 8.74 -16.75 7.65
N GLY B 311 7.78 -16.13 6.98
CA GLY B 311 6.40 -16.15 7.39
C GLY B 311 6.03 -15.19 8.52
N THR B 312 6.97 -14.46 9.12
CA THR B 312 6.58 -13.50 10.20
C THR B 312 6.21 -12.11 9.72
N HIS B 313 6.39 -11.85 8.44
CA HIS B 313 5.95 -10.63 7.82
C HIS B 313 5.80 -10.86 6.34
N GLY B 314 5.06 -9.99 5.66
CA GLY B 314 4.89 -10.07 4.21
C GLY B 314 3.93 -9.01 3.66
N SER B 315 3.54 -9.20 2.40
CA SER B 315 2.70 -8.26 1.62
C SER B 315 2.56 -8.86 0.23
N THR B 316 1.38 -8.80 -0.36
CA THR B 316 1.19 -9.32 -1.72
C THR B 316 2.09 -8.56 -2.69
N PHE B 317 2.04 -7.24 -2.65
CA PHE B 317 2.74 -6.43 -3.66
C PHE B 317 4.11 -5.89 -3.27
N GLY B 318 4.51 -6.00 -2.00
CA GLY B 318 5.84 -5.59 -1.57
C GLY B 318 6.95 -6.22 -2.40
N GLY B 319 7.82 -5.39 -2.97
CA GLY B 319 8.94 -5.89 -3.76
C GLY B 319 8.58 -6.58 -5.06
N ASN B 320 7.44 -6.20 -5.63
CA ASN B 320 7.08 -6.67 -6.96
C ASN B 320 8.03 -6.12 -8.05
N PRO B 321 8.35 -6.96 -9.06
CA PRO B 321 9.27 -6.61 -10.12
C PRO B 321 9.03 -5.23 -10.75
N LEU B 322 7.78 -4.93 -11.07
CA LEU B 322 7.50 -3.67 -11.75
C LEU B 322 7.97 -2.48 -10.92
N ALA B 323 7.54 -2.44 -9.67
CA ALA B 323 7.85 -1.31 -8.80
C ALA B 323 9.35 -1.16 -8.54
N CYS B 324 10.02 -2.29 -8.38
CA CYS B 324 11.48 -2.34 -8.28
C CYS B 324 12.15 -1.69 -9.48
N ALA B 325 11.66 -2.03 -10.68
CA ALA B 325 12.14 -1.44 -11.93
C ALA B 325 12.01 0.10 -11.94
N VAL B 326 10.87 0.57 -11.52
CA VAL B 326 10.60 2.01 -11.48
C VAL B 326 11.50 2.67 -10.44
N ALA B 327 11.64 2.07 -9.27
CA ALA B 327 12.39 2.69 -8.16
C ALA B 327 13.84 2.86 -8.51
N VAL B 328 14.44 1.82 -9.05
CA VAL B 328 15.81 1.93 -9.50
C VAL B 328 15.94 3.08 -10.55
N GLU B 329 14.96 3.22 -11.47
CA GLU B 329 15.02 4.32 -12.43
C GLU B 329 14.83 5.67 -11.76
N ALA B 330 13.88 5.73 -10.83
CA ALA B 330 13.59 6.93 -10.12
C ALA B 330 14.78 7.38 -9.31
N LEU B 331 15.50 6.46 -8.72
CA LEU B 331 16.67 6.80 -7.93
C LEU B 331 17.83 7.28 -8.76
N THR B 332 18.01 6.64 -9.91
CA THR B 332 19.02 7.04 -10.88
C THR B 332 18.80 8.46 -11.37
N VAL B 333 17.55 8.84 -11.64
CA VAL B 333 17.20 10.22 -12.03
C VAL B 333 17.73 11.25 -10.99
N LEU B 334 17.57 10.93 -9.71
CA LEU B 334 18.11 11.77 -8.63
C LEU B 334 19.57 12.06 -8.77
N LYS B 335 20.37 11.04 -9.01
CA LYS B 335 21.82 11.23 -9.24
C LYS B 335 22.17 11.99 -10.53
N ASP B 336 21.71 11.47 -11.66
CA ASP B 336 22.05 11.97 -13.00
C ASP B 336 21.73 13.44 -13.25
N GLU B 337 20.62 13.92 -12.71
CA GLU B 337 20.19 15.30 -12.92
C GLU B 337 20.54 16.17 -11.72
N LYS B 338 21.27 15.62 -10.75
CA LYS B 338 21.82 16.39 -9.61
C LYS B 338 20.79 17.25 -8.92
N LEU B 339 19.78 16.60 -8.38
CA LEU B 339 18.61 17.30 -7.87
C LEU B 339 18.78 17.71 -6.41
N ALA B 340 19.66 17.02 -5.67
CA ALA B 340 20.05 17.51 -4.34
C ALA B 340 20.63 18.92 -4.45
N ASP B 341 21.59 19.11 -5.37
CA ASP B 341 22.21 20.42 -5.60
C ASP B 341 21.19 21.42 -6.07
N ARG B 342 20.35 21.01 -7.03
CA ARG B 342 19.30 21.87 -7.54
C ARG B 342 18.34 22.31 -6.42
N ALA B 343 17.91 21.37 -5.59
CA ALA B 343 17.08 21.71 -4.41
C ALA B 343 17.75 22.66 -3.44
N GLU B 344 19.04 22.45 -3.16
CA GLU B 344 19.79 23.35 -2.31
C GLU B 344 19.83 24.77 -2.86
N ARG B 345 20.21 24.91 -4.13
CA ARG B 345 20.41 26.21 -4.75
C ARG B 345 19.11 27.02 -4.85
N LEU B 346 18.08 26.40 -5.36
CA LEU B 346 16.82 27.10 -5.59
C LEU B 346 16.12 27.36 -4.30
N GLY B 347 16.22 26.42 -3.38
CA GLY B 347 15.61 26.53 -2.09
C GLY B 347 16.09 27.74 -1.35
N ALA B 348 17.41 27.86 -1.23
CA ALA B 348 18.00 29.00 -0.53
C ALA B 348 17.54 30.32 -1.17
N GLN B 349 17.58 30.35 -2.50
CA GLN B 349 17.11 31.51 -3.28
C GLN B 349 15.64 31.81 -3.01
N PHE B 350 14.81 30.78 -2.93
CA PHE B 350 13.39 30.94 -2.65
C PHE B 350 13.16 31.54 -1.28
N ARG B 351 13.85 31.02 -0.27
CA ARG B 351 13.73 31.57 1.09
C ARG B 351 14.29 33.00 1.10
N ASP B 352 15.39 33.23 0.40
CA ASP B 352 15.95 34.56 0.20
C ASP B 352 14.92 35.51 -0.34
N CYS B 353 14.37 35.25 -1.51
CA CYS B 353 13.33 36.07 -2.13
C CYS B 353 12.16 36.39 -1.19
N LEU B 354 11.61 35.40 -0.51
CA LEU B 354 10.43 35.64 0.32
C LEU B 354 10.74 36.49 1.55
N ARG B 355 11.80 36.20 2.29
CA ARG B 355 12.13 36.95 3.52
C ARG B 355 12.42 38.45 3.26
N ARG B 356 13.08 38.72 2.13
CA ARG B 356 13.34 40.07 1.71
C ARG B 356 12.06 40.81 1.41
N GLU B 357 11.23 40.22 0.56
CA GLU B 357 10.12 40.91 -0.07
C GLU B 357 8.86 40.84 0.76
N LEU B 358 8.75 39.89 1.69
CA LEU B 358 7.50 39.67 2.45
C LEU B 358 7.56 40.01 3.95
N TYR B 359 8.70 39.76 4.62
CA TYR B 359 8.85 40.23 6.02
C TYR B 359 8.82 41.75 5.99
N GLY B 360 8.17 42.35 6.98
CA GLY B 360 8.05 43.80 7.06
C GLY B 360 6.84 44.30 6.30
N LYS B 361 6.78 44.04 5.00
CA LYS B 361 5.66 44.47 4.18
C LYS B 361 4.35 43.77 4.54
N VAL B 362 4.45 42.52 5.00
CA VAL B 362 3.28 41.71 5.30
C VAL B 362 3.36 41.26 6.76
N PRO B 363 2.55 41.89 7.64
CA PRO B 363 2.62 41.58 9.08
C PRO B 363 2.09 40.20 9.47
N TRP B 364 1.18 39.66 8.67
CA TRP B 364 0.54 38.37 9.00
C TRP B 364 1.33 37.12 8.51
N ILE B 365 2.53 37.33 7.95
CA ILE B 365 3.51 36.26 7.80
C ILE B 365 4.21 36.15 9.15
N LYS B 366 3.99 35.02 9.82
CA LYS B 366 4.62 34.71 11.10
C LYS B 366 6.04 34.19 10.91
N GLU B 367 6.27 33.37 9.87
CA GLU B 367 7.58 32.82 9.57
C GLU B 367 7.65 32.25 8.15
N ILE B 368 8.84 32.30 7.57
CA ILE B 368 9.17 31.61 6.33
C ILE B 368 10.29 30.61 6.68
N ARG B 369 10.05 29.33 6.44
CA ARG B 369 11.02 28.29 6.82
C ARG B 369 11.08 27.12 5.85
N GLY B 370 12.16 26.35 5.98
CA GLY B 370 12.47 25.24 5.11
C GLY B 370 13.94 24.88 4.99
N ARG B 371 14.16 23.73 4.36
CA ARG B 371 15.48 23.30 3.90
C ARG B 371 15.31 22.73 2.51
N GLY B 372 16.24 23.05 1.60
CA GLY B 372 16.13 22.67 0.20
C GLY B 372 14.87 23.23 -0.44
N LEU B 373 14.14 22.40 -1.19
CA LEU B 373 12.84 22.77 -1.72
C LEU B 373 11.66 22.20 -0.93
N LEU B 374 11.84 22.03 0.38
CA LEU B 374 10.74 21.79 1.33
C LEU B 374 10.54 23.06 2.14
N ASN B 375 9.73 23.99 1.62
CA ASN B 375 9.52 25.27 2.26
C ASN B 375 8.07 25.50 2.67
N ALA B 376 7.93 26.45 3.59
CA ALA B 376 6.64 26.78 4.18
C ALA B 376 6.56 28.25 4.66
N VAL B 377 5.37 28.83 4.50
CA VAL B 377 5.07 30.15 4.98
C VAL B 377 3.94 30.00 5.99
N GLU B 378 4.25 30.25 7.25
CA GLU B 378 3.22 30.24 8.28
C GLU B 378 2.54 31.61 8.36
N VAL B 379 1.21 31.59 8.33
CA VAL B 379 0.40 32.79 8.43
C VAL B 379 -0.37 32.83 9.76
N ASP B 380 -0.60 34.04 10.27
CA ASP B 380 -1.49 34.27 11.41
C ASP B 380 -2.95 34.13 10.92
N SER B 381 -3.59 32.99 11.23
CA SER B 381 -4.97 32.71 10.80
C SER B 381 -6.07 33.55 11.48
N ASP B 382 -5.70 34.36 12.47
CA ASP B 382 -6.64 35.30 13.07
C ASP B 382 -6.65 36.65 12.32
N ALA B 383 -5.49 37.06 11.81
CA ALA B 383 -5.37 38.31 11.04
C ALA B 383 -5.82 38.19 9.58
N ILE B 384 -5.81 36.96 9.05
CA ILE B 384 -6.17 36.68 7.65
C ILE B 384 -6.89 35.34 7.57
N ASP B 385 -7.69 35.14 6.53
CA ASP B 385 -8.20 33.80 6.18
C ASP B 385 -7.13 33.13 5.32
N PRO B 386 -6.55 32.01 5.80
CA PRO B 386 -5.59 31.29 4.96
C PRO B 386 -6.10 30.79 3.60
N ASN B 387 -7.41 30.57 3.44
CA ASN B 387 -7.96 30.13 2.13
C ASN B 387 -7.89 31.18 1.03
N ASP B 388 -7.97 32.45 1.39
CA ASP B 388 -7.76 33.55 0.44
C ASP B 388 -6.42 33.37 -0.27
N VAL B 389 -5.41 32.92 0.50
CA VAL B 389 -4.04 32.76 -0.01
C VAL B 389 -3.99 31.57 -0.97
N VAL B 390 -4.66 30.48 -0.61
CA VAL B 390 -4.71 29.34 -1.50
C VAL B 390 -5.36 29.72 -2.85
N MET B 391 -6.48 30.46 -2.79
CA MET B 391 -7.25 30.84 -4.00
C MET B 391 -6.51 31.86 -4.88
N LYS B 392 -5.80 32.80 -4.23
CA LYS B 392 -4.97 33.78 -4.94
C LYS B 392 -3.75 33.15 -5.64
N LEU B 393 -3.12 32.20 -4.96
CA LEU B 393 -2.08 31.38 -5.57
C LEU B 393 -2.64 30.66 -6.78
N LYS B 394 -3.73 29.92 -6.60
CA LYS B 394 -4.38 29.26 -7.74
C LYS B 394 -4.69 30.22 -8.90
N GLU B 395 -5.20 31.41 -8.56
CA GLU B 395 -5.52 32.46 -9.53
C GLU B 395 -4.27 32.87 -10.31
N ASN B 396 -3.14 32.91 -9.60
CA ASN B 396 -1.85 33.21 -10.22
C ASN B 396 -1.08 31.94 -10.68
N GLY B 397 -1.77 30.81 -10.83
CA GLY B 397 -1.16 29.61 -11.45
C GLY B 397 -0.33 28.71 -10.53
N ILE B 398 -0.57 28.80 -9.23
CA ILE B 398 0.15 28.01 -8.23
C ILE B 398 -0.84 27.12 -7.49
N LEU B 399 -0.62 25.80 -7.56
CA LEU B 399 -1.38 24.82 -6.79
C LEU B 399 -0.65 24.40 -5.56
N SER B 400 -1.28 24.68 -4.42
CA SER B 400 -0.72 24.35 -3.12
C SER B 400 -1.85 23.93 -2.19
N LYS B 401 -1.49 23.22 -1.14
CA LYS B 401 -2.47 22.81 -0.13
C LYS B 401 -1.77 22.94 1.21
N PRO B 402 -2.33 23.79 2.09
CA PRO B 402 -1.72 23.95 3.39
C PRO B 402 -1.90 22.70 4.20
N THR B 403 -1.04 22.54 5.21
CA THR B 403 -1.32 21.63 6.31
C THR B 403 -1.71 22.43 7.56
N ARG B 404 -2.62 21.87 8.36
CA ARG B 404 -3.12 22.49 9.61
C ARG B 404 -3.67 23.89 9.43
N GLY B 405 -4.37 24.12 8.32
CA GLY B 405 -5.05 25.41 8.09
C GLY B 405 -4.08 26.46 7.65
N ARG B 406 -3.14 26.81 8.54
CA ARG B 406 -2.30 28.02 8.42
C ARG B 406 -0.85 27.87 7.92
N VAL B 407 -0.40 26.65 7.62
CA VAL B 407 0.94 26.50 7.07
C VAL B 407 0.86 26.30 5.55
N MET B 408 1.19 27.37 4.83
CA MET B 408 1.30 27.35 3.38
C MET B 408 2.51 26.52 3.03
N ARG B 409 2.34 25.54 2.14
CA ARG B 409 3.43 24.68 1.73
C ARG B 409 3.81 24.94 0.31
N PHE B 410 5.11 24.87 0.05
CA PHE B 410 5.67 25.10 -1.26
C PHE B 410 6.66 24.03 -1.51
N ILE B 411 6.21 22.99 -2.19
CA ILE B 411 6.96 21.73 -2.38
C ILE B 411 6.84 21.40 -3.87
N PRO B 412 7.73 21.98 -4.70
CA PRO B 412 7.66 21.72 -6.11
C PRO B 412 8.55 20.55 -6.46
N PRO B 413 8.37 19.98 -7.65
CA PRO B 413 9.35 19.06 -8.16
C PRO B 413 10.72 19.70 -8.27
N LEU B 414 11.74 18.89 -8.03
CA LEU B 414 13.10 19.36 -8.01
C LEU B 414 13.60 19.55 -9.44
N VAL B 415 12.89 19.02 -10.45
CA VAL B 415 13.24 19.26 -11.86
C VAL B 415 12.72 20.58 -12.39
N ILE B 416 12.07 21.36 -11.55
CA ILE B 416 11.65 22.72 -11.90
C ILE B 416 12.86 23.50 -12.42
N THR B 417 12.74 24.06 -13.63
CA THR B 417 13.84 24.77 -14.22
C THR B 417 14.03 26.10 -13.53
N ASP B 418 15.15 26.72 -13.83
CA ASP B 418 15.44 28.06 -13.35
C ASP B 418 14.34 29.08 -13.74
N GLU B 419 14.01 29.19 -15.04
CA GLU B 419 12.91 30.06 -15.46
C GLU B 419 11.57 29.70 -14.79
N GLU B 420 11.25 28.41 -14.68
CA GLU B 420 10.01 28.04 -14.07
C GLU B 420 10.00 28.46 -12.61
N HIS B 421 11.14 28.29 -11.94
CA HIS B 421 11.19 28.61 -10.56
C HIS B 421 11.13 30.09 -10.29
N ARG B 422 11.84 30.85 -11.11
CA ARG B 422 11.80 32.33 -11.06
C ARG B 422 10.37 32.85 -11.21
N ASP B 423 9.75 32.51 -12.34
CA ASP B 423 8.36 32.83 -12.66
C ASP B 423 7.44 32.47 -11.51
N ALA B 424 7.67 31.28 -10.93
CA ALA B 424 6.80 30.74 -9.90
C ALA B 424 6.95 31.52 -8.61
N THR B 425 8.19 31.74 -8.17
CA THR B 425 8.49 32.59 -7.03
C THR B 425 7.86 33.99 -7.11
N THR B 426 7.87 34.56 -8.33
CA THR B 426 7.28 35.86 -8.61
C THR B 426 5.77 35.79 -8.43
N ARG B 427 5.16 34.78 -9.04
CA ARG B 427 3.73 34.55 -8.91
C ARG B 427 3.33 34.35 -7.44
N ILE B 428 4.19 33.67 -6.68
CA ILE B 428 3.94 33.42 -5.25
C ILE B 428 4.03 34.72 -4.42
N ILE B 429 5.10 35.48 -4.57
CA ILE B 429 5.19 36.76 -3.89
C ILE B 429 3.97 37.61 -4.22
N LYS B 430 3.69 37.78 -5.51
CA LYS B 430 2.55 38.57 -5.98
C LYS B 430 1.25 38.17 -5.31
N SER B 431 1.04 36.87 -5.10
CA SER B 431 -0.13 36.41 -4.38
C SER B 431 -0.15 36.87 -2.93
N PHE B 432 0.96 36.74 -2.21
CA PHE B 432 0.97 37.20 -0.79
C PHE B 432 0.71 38.71 -0.65
N LEU B 433 1.41 39.49 -1.47
CA LEU B 433 1.20 40.96 -1.52
C LEU B 433 -0.20 41.31 -1.97
N ALA B 434 -0.75 40.57 -2.93
CA ALA B 434 -2.14 40.82 -3.36
C ALA B 434 -3.14 40.61 -2.21
N VAL B 435 -2.87 39.65 -1.33
CA VAL B 435 -3.75 39.42 -0.17
C VAL B 435 -3.59 40.50 0.91
N GLU B 436 -2.39 41.05 1.10
CA GLU B 436 -2.18 42.11 2.07
C GLU B 436 -2.77 43.44 1.59
N GLU B 437 -2.45 43.83 0.36
CA GLU B 437 -3.16 44.90 -0.38
C GLU B 437 -4.65 44.83 -0.12
N GLU B 438 -5.21 43.65 -0.37
CA GLU B 438 -6.65 43.39 -0.25
C GLU B 438 -7.12 43.46 1.21
N ARG B 439 -6.26 43.07 2.16
CA ARG B 439 -6.54 43.31 3.59
C ARG B 439 -6.78 44.80 3.83
N LYS B 440 -5.93 45.65 3.26
CA LYS B 440 -6.09 47.11 3.38
C LYS B 440 -7.31 47.63 2.60
N1 PLP C . -7.29 -10.13 2.84
C2 PLP C . -7.18 -11.41 2.39
C2A PLP C . -8.39 -12.32 2.45
C3 PLP C . -5.89 -11.90 1.84
O3 PLP C . -5.71 -13.17 1.39
C4 PLP C . -4.77 -10.94 1.82
C4A PLP C . -3.45 -11.39 1.30
C5 PLP C . -5.03 -9.57 2.34
C6 PLP C . -6.29 -9.24 2.82
C5A PLP C . -3.94 -8.54 2.37
O4P PLP C . -3.63 -8.13 1.03
P PLP C . -2.23 -7.40 0.80
O1P PLP C . -1.27 -8.55 0.85
O2P PLP C . -2.05 -6.45 1.98
O3P PLP C . -2.43 -6.71 -0.54
S SO4 D . -19.00 -10.16 -14.19
O1 SO4 D . -18.77 -11.39 -13.41
O2 SO4 D . -19.03 -10.49 -15.62
O3 SO4 D . -17.94 -9.14 -14.03
O4 SO4 D . -20.32 -9.62 -13.81
S SO4 E . -15.70 -28.23 -1.07
O1 SO4 E . -15.21 -29.56 -1.42
O2 SO4 E . -17.14 -28.13 -1.39
O3 SO4 E . -15.45 -27.93 0.35
O4 SO4 E . -15.01 -27.20 -1.83
S SO4 F . -9.84 -30.18 -17.33
O1 SO4 F . -9.12 -31.47 -17.34
O2 SO4 F . -11.24 -30.40 -17.71
O3 SO4 F . -9.82 -29.68 -15.95
O4 SO4 F . -9.31 -29.19 -18.26
S SO4 G . -5.14 2.33 6.62
O1 SO4 G . -4.23 1.22 6.95
O2 SO4 G . -6.00 1.90 5.52
O3 SO4 G . -6.01 2.69 7.73
O4 SO4 G . -4.34 3.46 6.15
S SO4 H . -2.86 16.27 1.21
O1 SO4 H . -2.73 15.24 0.16
O2 SO4 H . -1.84 16.04 2.25
O3 SO4 H . -4.26 16.18 1.70
O4 SO4 H . -2.58 17.64 0.74
S SO4 I . 2.87 -16.33 -0.33
O1 SO4 I . 3.96 -16.89 0.51
O2 SO4 I . 2.66 -17.22 -1.48
O3 SO4 I . 1.58 -16.27 0.40
O4 SO4 I . 3.25 -14.99 -0.82
N1 PLP J . 5.67 9.39 6.73
C2 PLP J . 5.70 10.72 6.42
C2A PLP J . 6.78 11.62 6.96
C3 PLP J . 4.64 11.27 5.54
O3 PLP J . 4.61 12.58 5.19
C4 PLP J . 3.61 10.33 5.05
C4A PLP J . 2.53 10.85 4.17
C5 PLP J . 3.70 8.90 5.47
C6 PLP J . 4.75 8.50 6.30
C5A PLP J . 2.68 7.88 5.02
O4P PLP J . 2.81 7.69 3.62
P PLP J . 1.61 7.01 2.77
O1P PLP J . 2.39 6.66 1.50
O2P PLP J . 1.11 5.86 3.62
O3P PLP J . 0.61 8.11 2.61
S SO4 K . -6.35 1.76 -23.28
O1 SO4 K . -6.28 0.35 -22.82
O2 SO4 K . -7.02 1.75 -24.60
O3 SO4 K . -5.02 2.35 -23.42
O4 SO4 K . -7.13 2.57 -22.31
S SO4 L . 25.05 -9.96 -6.28
O1 SO4 L . 25.91 -10.08 -7.49
O2 SO4 L . 24.37 -11.24 -6.00
O3 SO4 L . 25.85 -9.62 -5.09
O4 SO4 L . 24.06 -8.91 -6.59
S SO4 M . 2.62 -3.55 7.65
O1 SO4 M . 2.00 -4.80 7.23
O2 SO4 M . 3.57 -3.18 6.63
O3 SO4 M . 3.35 -3.77 8.89
O4 SO4 M . 1.62 -2.50 7.81
S SO4 N . 14.40 27.63 8.74
O1 SO4 N . 14.80 26.23 8.57
O2 SO4 N . 14.12 28.18 7.42
O3 SO4 N . 15.54 28.38 9.31
O4 SO4 N . 13.26 27.69 9.65
S SO4 O . 22.58 11.74 -4.81
O1 SO4 O . 23.76 11.64 -5.67
O2 SO4 O . 21.39 11.26 -5.51
O3 SO4 O . 22.78 10.81 -3.69
O4 SO4 O . 22.44 13.12 -4.27
S SO4 P . -21.63 11.27 -12.81
O1 SO4 P . -22.29 10.51 -13.89
O2 SO4 P . -20.40 10.51 -12.55
O3 SO4 P . -22.51 11.45 -11.61
O4 SO4 P . -21.27 12.62 -13.26
#